data_8ZBV
#
_entry.id   8ZBV
#
_cell.length_a   105.293
_cell.length_b   106.204
_cell.length_c   72.598
_cell.angle_alpha   90.000
_cell.angle_beta   91.840
_cell.angle_gamma   90.000
#
_symmetry.space_group_name_H-M   'C 1 2 1'
#
_entity_poly.entity_id   1
_entity_poly.type   'polypeptide(L)'
_entity_poly.pdbx_seq_one_letter_code
;HHHHHHMEKTSAHVVPSMVRRNFCQLMTAATAAPFMGGALSAHAAAGHSAAFLKMDRSEEPSLLLRYDRSAANWNEALPI
GNGRIGGMVWGNVSEEIIDLNEETLWSGHPRETDNPNAKQHLPQIRKAVFDKNYERANDLAYKIQGTYNENYQPLGQLHL
SMSHAGESTNYARALDIGNAVSTVDYEVDGVKYHRDYFVSAPDNSMCIRLTASEPGKISCRLKMDSPLKHVSFSRGNSCI
MQGQAPSHADRASIKADQVIFYDPKEEGLSFYSQLQVVPEGGRFWKYENGMRVEHADSLVLVFSAATNFDGFDVFPRKSR
IDPCKVVKETFRKIGPVDFKELQKRHIADYRTLFDRVGIQLGKGASISKTTDQRIKDYARDEDPDLVALTFQYGRYMLIS
SSRPGTLPANLQGIWNPLMRPPWMSNWTNDLNTQMNYWLSWTTNLPECEKALIDWVDNLRPNGRKTARTNYGAKGWLCHN
TTDLWMQTAPAGIERPRWCILPLGGVWLCQHLWMHYVFHGDREFLEKRSYPIMREAAEFCLDWLIKDSDGYYVTCPSVSP
ENWFATAGDKQLSISKASTYDMQLIRDLFTNCIQAAKVLNTDKEFSAKLQERMDHLYPQKIGQYGQLQEWSEDWDKPEDQ
HRHISHLFGLFPGDQLTPNKNPEGWKGARQSLLMRSGEMAKGGKGKNDADTGWSINWKIGWWARLHDAEQAQNMLRKIFR
FAPSGNTLSSQKGGRYANLLNAGPPFQIDGVLGFTAGVVELLLQSHDGFIHLLPALPKNWPDGRVTGLKARGGFIVDIEW
KDGKLLEAVIHPGHEKEVRVHYQDDVHVFAKIEKPVRITRHDHHHHHH
;
_entity_poly.pdbx_strand_id   A
#
# COMPACT_ATOMS: atom_id res chain seq x y z
N SER A 62 -6.46 8.75 21.83
CA SER A 62 -5.15 9.42 21.77
C SER A 62 -4.43 9.09 20.48
N LEU A 63 -4.23 10.10 19.63
CA LEU A 63 -3.57 9.94 18.34
C LEU A 63 -2.06 10.16 18.47
N LEU A 64 -1.44 9.41 19.39
CA LEU A 64 -0.03 9.62 19.68
C LEU A 64 0.63 8.28 19.99
N LEU A 65 1.83 8.11 19.45
CA LEU A 65 2.64 6.90 19.64
C LEU A 65 3.77 7.24 20.60
N ARG A 66 3.58 6.91 21.88
CA ARG A 66 4.45 7.35 22.96
C ARG A 66 5.47 6.28 23.29
N TYR A 67 6.73 6.67 23.42
CA TYR A 67 7.83 5.76 23.75
C TYR A 67 8.73 6.43 24.80
N ASP A 68 9.61 5.62 25.40
CA ASP A 68 10.45 6.11 26.49
C ASP A 68 11.93 5.81 26.29
N ARG A 69 12.34 5.48 25.07
CA ARG A 69 13.76 5.32 24.78
C ARG A 69 13.99 5.56 23.28
N SER A 70 15.25 5.68 22.91
CA SER A 70 15.58 5.80 21.50
C SER A 70 15.32 4.48 20.79
N ALA A 71 15.16 4.56 19.47
CA ALA A 71 15.01 3.36 18.66
C ALA A 71 16.32 2.58 18.66
N ALA A 72 16.22 1.29 18.97
CA ALA A 72 17.38 0.40 18.93
C ALA A 72 17.64 -0.17 17.54
N ASN A 73 16.68 -0.07 16.63
CA ASN A 73 16.81 -0.58 15.27
C ASN A 73 15.75 0.09 14.40
N TRP A 74 15.74 -0.29 13.11
CA TRP A 74 14.86 0.39 12.16
C TRP A 74 13.40 0.10 12.47
N ASN A 75 13.08 -1.10 12.94
CA ASN A 75 11.70 -1.44 13.27
C ASN A 75 11.19 -0.76 14.52
N GLU A 76 11.99 0.12 15.14
CA GLU A 76 11.52 0.94 16.25
C GLU A 76 11.50 2.43 15.92
N ALA A 77 12.03 2.84 14.78
CA ALA A 77 11.98 4.24 14.37
C ALA A 77 10.55 4.65 14.06
N LEU A 78 10.36 5.97 13.86
CA LEU A 78 9.06 6.52 13.55
C LEU A 78 9.03 7.06 12.13
N PRO A 79 8.08 6.64 11.30
CA PRO A 79 8.05 7.09 9.90
C PRO A 79 7.36 8.44 9.75
N ILE A 80 7.96 9.29 8.93
CA ILE A 80 7.36 10.55 8.51
C ILE A 80 7.58 10.69 7.01
N GLY A 81 6.62 11.33 6.34
CA GLY A 81 6.77 11.52 4.91
C GLY A 81 5.70 12.44 4.35
N ASN A 82 5.86 12.76 3.06
CA ASN A 82 4.94 13.64 2.35
C ASN A 82 4.46 13.03 1.03
N GLY A 83 4.72 11.74 0.81
CA GLY A 83 4.37 11.08 -0.42
C GLY A 83 5.49 11.05 -1.46
N ARG A 84 6.51 11.88 -1.31
CA ARG A 84 7.65 11.86 -2.23
C ARG A 84 8.96 11.70 -1.47
N ILE A 85 9.05 12.31 -0.29
CA ILE A 85 10.24 12.27 0.55
C ILE A 85 9.87 11.58 1.85
N GLY A 86 10.67 10.58 2.23
CA GLY A 86 10.40 9.85 3.46
C GLY A 86 11.55 9.86 4.45
N GLY A 87 11.27 9.49 5.70
CA GLY A 87 12.29 9.51 6.72
C GLY A 87 11.90 8.74 7.97
N MET A 88 12.86 8.01 8.54
CA MET A 88 12.63 7.23 9.75
C MET A 88 13.39 7.89 10.89
N VAL A 89 12.66 8.39 11.88
CA VAL A 89 13.24 9.11 13.01
C VAL A 89 13.55 8.12 14.12
N TRP A 90 14.81 8.07 14.55
CA TRP A 90 15.25 7.14 15.57
C TRP A 90 15.04 7.66 16.99
N GLY A 91 15.07 8.98 17.18
CA GLY A 91 14.93 9.52 18.52
C GLY A 91 16.14 9.32 19.39
N ASN A 92 17.32 9.21 18.79
CA ASN A 92 18.54 9.02 19.55
C ASN A 92 18.89 10.28 20.34
N VAL A 93 19.69 10.09 21.40
CA VAL A 93 19.97 11.16 22.34
C VAL A 93 21.14 12.01 21.86
N SER A 94 22.29 11.37 21.63
CA SER A 94 23.49 12.10 21.26
C SER A 94 24.04 11.78 19.88
N GLU A 95 23.61 10.69 19.24
CA GLU A 95 23.96 10.40 17.85
C GLU A 95 22.67 10.07 17.09
N GLU A 96 22.01 11.11 16.58
CA GLU A 96 20.73 10.94 15.89
C GLU A 96 20.95 10.53 14.45
N ILE A 97 20.11 9.63 13.96
CA ILE A 97 20.15 9.15 12.59
C ILE A 97 18.75 9.19 12.00
N ILE A 98 18.62 9.69 10.79
CA ILE A 98 17.35 9.75 10.08
C ILE A 98 17.56 9.14 8.69
N ASP A 99 16.99 7.96 8.47
CA ASP A 99 17.14 7.28 7.20
C ASP A 99 16.32 7.99 6.12
N LEU A 100 16.98 8.36 5.04
CA LEU A 100 16.38 9.22 4.02
C LEU A 100 15.96 8.40 2.82
N ASN A 101 14.78 8.71 2.28
CA ASN A 101 14.23 8.03 1.12
C ASN A 101 13.59 9.03 0.19
N GLU A 102 13.90 8.93 -1.11
CA GLU A 102 13.16 9.61 -2.16
C GLU A 102 12.50 8.54 -3.01
N GLU A 103 11.21 8.72 -3.30
CA GLU A 103 10.41 7.62 -3.85
C GLU A 103 10.87 7.19 -5.24
N THR A 104 11.46 8.09 -6.02
CA THR A 104 11.86 7.78 -7.38
C THR A 104 13.28 7.23 -7.46
N LEU A 105 13.98 7.08 -6.35
CA LEU A 105 15.38 6.63 -6.35
C LEU A 105 15.40 5.11 -6.40
N TRP A 106 15.31 4.56 -7.60
CA TRP A 106 15.39 3.12 -7.83
C TRP A 106 16.66 2.79 -8.60
N SER A 107 17.04 1.52 -8.53
CA SER A 107 18.20 1.02 -9.26
C SER A 107 17.80 0.64 -10.68
N GLY A 108 18.81 0.47 -11.53
CA GLY A 108 18.59 -0.03 -12.87
C GLY A 108 18.27 1.05 -13.88
N HIS A 109 17.76 0.60 -15.02
CA HIS A 109 17.40 1.46 -16.14
C HIS A 109 16.44 0.69 -17.02
N PRO A 110 15.80 1.35 -17.99
CA PRO A 110 14.89 0.62 -18.89
C PRO A 110 15.59 -0.55 -19.55
N ARG A 111 14.92 -1.71 -19.54
CA ARG A 111 15.45 -2.93 -20.14
C ARG A 111 14.43 -3.53 -21.09
N GLU A 112 14.73 -4.72 -21.60
CA GLU A 112 13.77 -5.52 -22.37
C GLU A 112 13.44 -6.76 -21.54
N THR A 113 12.21 -6.80 -21.01
CA THR A 113 11.78 -7.90 -20.17
C THR A 113 10.78 -8.84 -20.84
N ASP A 114 10.17 -8.43 -21.95
CA ASP A 114 9.20 -9.29 -22.62
C ASP A 114 9.89 -10.50 -23.25
N ASN A 115 9.11 -11.56 -23.44
CA ASN A 115 9.62 -12.82 -23.96
C ASN A 115 9.10 -13.08 -25.36
N PRO A 116 9.89 -12.79 -26.41
CA PRO A 116 9.42 -13.08 -27.78
C PRO A 116 9.03 -14.54 -28.00
N ASN A 117 9.91 -15.47 -27.63
CA ASN A 117 9.71 -16.88 -27.91
C ASN A 117 8.69 -17.55 -27.00
N ALA A 118 8.03 -16.79 -26.11
CA ALA A 118 6.99 -17.38 -25.28
C ALA A 118 5.66 -17.51 -26.00
N LYS A 119 5.48 -16.81 -27.12
CA LYS A 119 4.22 -16.88 -27.85
C LYS A 119 4.02 -18.25 -28.49
N GLN A 120 5.11 -18.88 -28.95
CA GLN A 120 4.99 -20.18 -29.60
C GLN A 120 4.64 -21.29 -28.62
N HIS A 121 4.84 -21.07 -27.32
CA HIS A 121 4.51 -22.06 -26.31
C HIS A 121 3.13 -21.88 -25.71
N LEU A 122 2.34 -20.94 -26.22
CA LEU A 122 1.00 -20.69 -25.69
C LEU A 122 -0.02 -21.73 -26.13
N PRO A 123 -0.10 -22.08 -27.42
CA PRO A 123 -1.03 -23.16 -27.80
C PRO A 123 -0.62 -24.50 -27.22
N GLN A 124 0.67 -24.70 -26.98
CA GLN A 124 1.13 -25.96 -26.40
C GLN A 124 0.72 -26.07 -24.93
N ILE A 125 0.83 -24.98 -24.17
CA ILE A 125 0.33 -24.99 -22.79
C ILE A 125 -1.17 -25.22 -22.77
N ARG A 126 -1.89 -24.51 -23.64
CA ARG A 126 -3.34 -24.73 -23.73
C ARG A 126 -3.66 -26.15 -24.16
N LYS A 127 -2.74 -26.80 -24.90
CA LYS A 127 -2.95 -28.19 -25.27
C LYS A 127 -2.65 -29.13 -24.11
N ALA A 128 -1.61 -28.83 -23.32
CA ALA A 128 -1.28 -29.69 -22.18
C ALA A 128 -2.36 -29.65 -21.12
N VAL A 129 -3.08 -28.53 -21.00
CA VAL A 129 -4.13 -28.44 -20.00
C VAL A 129 -5.40 -29.14 -20.49
N PHE A 130 -5.74 -29.00 -21.78
CA PHE A 130 -6.96 -29.62 -22.28
C PHE A 130 -6.82 -31.14 -22.33
N ASP A 131 -5.61 -31.65 -22.47
CA ASP A 131 -5.35 -33.07 -22.37
C ASP A 131 -5.24 -33.54 -20.93
N LYS A 132 -5.40 -32.63 -19.97
CA LYS A 132 -5.29 -32.93 -18.54
C LYS A 132 -3.91 -33.44 -18.16
N ASN A 133 -2.91 -33.11 -18.98
CA ASN A 133 -1.51 -33.39 -18.66
C ASN A 133 -0.98 -32.16 -17.93
N TYR A 134 -1.22 -32.13 -16.61
CA TYR A 134 -0.92 -30.93 -15.83
C TYR A 134 0.58 -30.77 -15.60
N GLU A 135 1.33 -31.87 -15.57
CA GLU A 135 2.78 -31.77 -15.47
C GLU A 135 3.36 -31.02 -16.64
N ARG A 136 3.01 -31.44 -17.87
CA ARG A 136 3.52 -30.78 -19.05
C ARG A 136 3.09 -29.31 -19.11
N ALA A 137 1.97 -28.97 -18.49
CA ALA A 137 1.55 -27.57 -18.43
C ALA A 137 2.53 -26.74 -17.61
N ASN A 138 2.98 -27.26 -16.46
CA ASN A 138 3.88 -26.49 -15.61
C ASN A 138 5.28 -26.40 -16.22
N ASP A 139 5.80 -27.51 -16.73
CA ASP A 139 7.15 -27.50 -17.30
C ASP A 139 7.23 -26.63 -18.54
N LEU A 140 6.10 -26.38 -19.20
CA LEU A 140 6.06 -25.42 -20.29
C LEU A 140 5.91 -23.99 -19.78
N ALA A 141 5.22 -23.82 -18.65
CA ALA A 141 5.11 -22.51 -18.03
C ALA A 141 6.48 -21.97 -17.61
N TYR A 142 7.46 -22.84 -17.45
CA TYR A 142 8.84 -22.44 -17.16
C TYR A 142 9.53 -21.84 -18.37
N LYS A 143 8.81 -21.62 -19.47
CA LYS A 143 9.39 -21.06 -20.68
C LYS A 143 8.63 -19.84 -21.17
N ILE A 144 7.71 -19.30 -20.38
CA ILE A 144 6.94 -18.11 -20.76
C ILE A 144 7.15 -17.02 -19.71
N GLN A 145 8.32 -17.02 -19.08
CA GLN A 145 8.62 -16.13 -17.96
C GLN A 145 9.54 -14.99 -18.41
N GLY A 146 9.94 -14.15 -17.46
CA GLY A 146 10.80 -13.03 -17.74
C GLY A 146 11.94 -12.87 -16.75
N THR A 147 12.14 -11.65 -16.23
CA THR A 147 13.23 -11.36 -15.32
C THR A 147 12.70 -10.61 -14.10
N TYR A 148 13.51 -10.59 -13.04
CA TYR A 148 13.12 -9.97 -11.79
C TYR A 148 13.13 -8.46 -11.90
N ASN A 149 12.48 -7.81 -10.93
CA ASN A 149 12.41 -6.36 -10.89
C ASN A 149 13.71 -5.77 -10.34
N GLU A 150 13.83 -4.45 -10.49
CA GLU A 150 14.88 -3.69 -9.83
C GLU A 150 14.45 -3.32 -8.41
N ASN A 151 15.44 -2.92 -7.60
CA ASN A 151 15.24 -2.74 -6.17
C ASN A 151 15.06 -1.26 -5.83
N TYR A 152 14.37 -1.02 -4.72
CA TYR A 152 14.12 0.32 -4.22
C TYR A 152 15.27 0.75 -3.31
N GLN A 153 15.86 1.93 -3.60
CA GLN A 153 17.12 2.22 -2.91
C GLN A 153 16.91 3.18 -1.75
N PRO A 154 17.78 3.09 -0.73
CA PRO A 154 17.83 4.13 0.31
C PRO A 154 18.70 5.31 -0.10
N LEU A 155 18.22 6.53 0.09
CA LEU A 155 19.00 7.69 -0.35
C LEU A 155 20.18 7.95 0.58
N GLY A 156 20.09 7.55 1.83
CA GLY A 156 21.19 7.71 2.76
C GLY A 156 20.68 8.00 4.15
N GLN A 157 21.59 8.51 4.99
CA GLN A 157 21.30 8.82 6.37
C GLN A 157 21.65 10.28 6.64
N LEU A 158 20.90 10.87 7.57
CA LEU A 158 21.15 12.23 8.05
C LEU A 158 21.50 12.14 9.52
N HIS A 159 22.78 12.30 9.83
CA HIS A 159 23.27 12.17 11.20
C HIS A 159 23.23 13.52 11.90
N LEU A 160 23.07 13.46 13.22
CA LEU A 160 22.96 14.67 14.04
C LEU A 160 23.58 14.35 15.39
N SER A 161 24.86 14.71 15.54
CA SER A 161 25.66 14.34 16.71
C SER A 161 25.60 15.45 17.74
N MET A 162 24.60 15.38 18.62
CA MET A 162 24.44 16.39 19.66
C MET A 162 25.60 16.34 20.63
N SER A 163 26.35 17.45 20.72
CA SER A 163 27.55 17.49 21.54
C SER A 163 27.23 18.08 22.91
N HIS A 164 26.49 17.30 23.70
CA HIS A 164 26.29 17.58 25.10
C HIS A 164 26.88 16.44 25.92
N ALA A 165 27.51 16.79 27.04
CA ALA A 165 28.17 15.83 27.92
C ALA A 165 27.42 15.76 29.23
N GLY A 166 26.80 14.62 29.50
CA GLY A 166 26.11 14.42 30.75
C GLY A 166 25.10 13.30 30.64
N GLU A 167 24.37 13.11 31.74
CA GLU A 167 23.34 12.08 31.82
C GLU A 167 22.00 12.66 31.39
N SER A 168 21.27 11.89 30.60
CA SER A 168 19.95 12.29 30.13
C SER A 168 18.87 11.62 30.98
N THR A 169 17.87 12.39 31.39
CA THR A 169 16.75 11.87 32.14
C THR A 169 15.46 12.45 31.58
N ASN A 170 14.33 11.91 32.05
CA ASN A 170 13.00 12.40 31.67
C ASN A 170 12.78 12.33 30.16
N TYR A 171 13.21 11.22 29.56
CA TYR A 171 13.11 11.07 28.12
C TYR A 171 11.73 10.60 27.71
N ALA A 172 11.30 11.05 26.53
CA ALA A 172 10.07 10.58 25.92
C ALA A 172 10.12 10.89 24.44
N ARG A 173 9.55 9.99 23.64
CA ARG A 173 9.50 10.12 22.18
C ARG A 173 8.09 9.82 21.73
N ALA A 174 7.54 10.66 20.85
CA ALA A 174 6.15 10.53 20.44
C ALA A 174 6.01 10.76 18.95
N LEU A 175 4.94 10.20 18.38
CA LEU A 175 4.57 10.38 16.99
C LEU A 175 3.12 10.85 16.94
N ASP A 176 2.91 12.07 16.47
CA ASP A 176 1.57 12.66 16.42
C ASP A 176 1.00 12.42 15.02
N ILE A 177 0.13 11.40 14.92
CA ILE A 177 -0.50 11.11 13.63
C ILE A 177 -1.66 12.04 13.31
N GLY A 178 -2.04 12.91 14.25
CA GLY A 178 -3.04 13.91 13.97
C GLY A 178 -2.45 15.16 13.33
N ASN A 179 -1.19 15.43 13.65
CA ASN A 179 -0.49 16.59 13.10
C ASN A 179 0.65 16.20 12.17
N ALA A 180 0.92 14.90 12.00
CA ALA A 180 1.99 14.42 11.13
C ALA A 180 3.34 15.01 11.51
N VAL A 181 3.62 15.07 12.82
CA VAL A 181 4.86 15.60 13.36
C VAL A 181 5.36 14.65 14.43
N SER A 182 6.65 14.30 14.36
CA SER A 182 7.30 13.53 15.40
C SER A 182 8.03 14.45 16.36
N THR A 183 8.08 14.05 17.63
CA THR A 183 8.76 14.83 18.66
C THR A 183 9.64 13.92 19.50
N VAL A 184 10.77 14.48 19.95
CA VAL A 184 11.68 13.82 20.88
C VAL A 184 12.04 14.82 21.97
N ASP A 185 11.93 14.40 23.22
CA ASP A 185 12.23 15.27 24.35
C ASP A 185 13.12 14.56 25.35
N TYR A 186 14.07 15.31 25.91
CA TYR A 186 14.97 14.81 26.93
C TYR A 186 15.46 15.99 27.76
N GLU A 187 15.97 15.68 28.95
CA GLU A 187 16.49 16.70 29.86
C GLU A 187 17.90 16.29 30.27
N VAL A 188 18.89 17.10 29.87
CA VAL A 188 20.29 16.84 30.15
C VAL A 188 20.82 17.99 31.02
N ASP A 189 21.25 17.64 32.23
CA ASP A 189 21.90 18.59 33.14
C ASP A 189 21.01 19.80 33.41
N GLY A 190 19.74 19.54 33.70
CA GLY A 190 18.80 20.60 34.04
C GLY A 190 18.20 21.30 32.83
N VAL A 191 18.97 21.41 31.75
CA VAL A 191 18.49 22.05 30.54
C VAL A 191 17.58 21.08 29.79
N LYS A 192 16.34 21.50 29.54
CA LYS A 192 15.39 20.70 28.80
C LYS A 192 15.55 20.95 27.31
N TYR A 193 15.51 19.87 26.53
CA TYR A 193 15.69 19.94 25.08
C TYR A 193 14.47 19.37 24.38
N HIS A 194 14.25 19.81 23.15
CA HIS A 194 13.09 19.41 22.38
C HIS A 194 13.43 19.39 20.89
N ARG A 195 12.91 18.39 20.19
CA ARG A 195 13.10 18.24 18.75
C ARG A 195 11.76 18.01 18.06
N ASP A 196 11.65 18.51 16.84
CA ASP A 196 10.47 18.36 16.02
C ASP A 196 10.86 17.82 14.65
N TYR A 197 10.10 16.87 14.13
CA TYR A 197 10.32 16.32 12.80
C TYR A 197 9.01 16.26 12.03
N PHE A 198 9.07 16.65 10.75
CA PHE A 198 7.96 16.45 9.83
C PHE A 198 8.46 16.70 8.42
N VAL A 199 7.75 16.16 7.44
CA VAL A 199 8.06 16.33 6.03
C VAL A 199 6.88 17.05 5.39
N SER A 200 7.11 18.28 4.93
CA SER A 200 6.05 19.08 4.34
C SER A 200 5.78 18.64 2.90
N ALA A 201 4.52 18.42 2.58
CA ALA A 201 4.11 18.10 1.22
C ALA A 201 4.06 19.34 0.33
N PRO A 202 3.45 20.46 0.76
CA PRO A 202 3.44 21.64 -0.13
C PRO A 202 4.81 22.24 -0.37
N ASP A 203 5.74 22.07 0.56
CA ASP A 203 7.08 22.62 0.42
C ASP A 203 8.11 21.57 0.03
N ASN A 204 7.71 20.30 -0.07
CA ASN A 204 8.55 19.22 -0.60
C ASN A 204 9.90 19.16 0.10
N SER A 205 9.87 19.10 1.42
CA SER A 205 11.10 19.04 2.19
C SER A 205 10.80 18.59 3.60
N MET A 206 11.78 17.96 4.23
CA MET A 206 11.73 17.62 5.64
C MET A 206 12.25 18.78 6.48
N CYS A 207 11.59 19.02 7.61
CA CYS A 207 11.96 20.12 8.49
C CYS A 207 12.21 19.60 9.90
N ILE A 208 13.28 20.11 10.53
CA ILE A 208 13.63 19.75 11.90
C ILE A 208 13.98 21.01 12.66
N ARG A 209 13.45 21.15 13.87
CA ARG A 209 13.77 22.25 14.77
C ARG A 209 14.30 21.68 16.08
N LEU A 210 15.45 22.19 16.51
CA LEU A 210 16.08 21.78 17.77
C LEU A 210 16.03 22.96 18.71
N THR A 211 15.26 22.83 19.79
CA THR A 211 15.05 23.89 20.76
C THR A 211 15.59 23.46 22.12
N ALA A 212 15.89 24.46 22.94
CA ALA A 212 16.42 24.23 24.27
C ALA A 212 15.76 25.20 25.25
N SER A 213 15.69 24.80 26.51
CA SER A 213 15.06 25.63 27.53
C SER A 213 15.87 26.89 27.80
N GLU A 214 17.18 26.84 27.57
CA GLU A 214 18.06 27.96 27.83
C GLU A 214 18.91 28.24 26.59
N PRO A 215 19.28 29.50 26.37
CA PRO A 215 19.99 29.85 25.15
C PRO A 215 21.41 29.28 25.12
N GLY A 216 21.95 29.19 23.90
CA GLY A 216 23.31 28.73 23.73
C GLY A 216 23.57 27.29 24.13
N LYS A 217 22.56 26.43 23.98
CA LYS A 217 22.68 25.04 24.43
C LYS A 217 22.53 24.04 23.28
N ILE A 218 22.46 24.52 22.04
CA ILE A 218 22.34 23.65 20.87
C ILE A 218 23.69 23.66 20.17
N SER A 219 24.45 22.58 20.33
CA SER A 219 25.74 22.41 19.67
C SER A 219 25.83 20.98 19.16
N CYS A 220 26.18 20.83 17.88
CA CYS A 220 26.20 19.50 17.28
C CYS A 220 27.00 19.54 15.98
N ARG A 221 27.00 18.41 15.29
CA ARG A 221 27.69 18.24 14.01
C ARG A 221 26.71 17.59 13.02
N LEU A 222 26.92 17.85 11.74
CA LEU A 222 25.98 17.46 10.70
C LEU A 222 26.71 16.80 9.54
N LYS A 223 26.21 15.64 9.10
CA LYS A 223 26.77 14.95 7.95
C LYS A 223 25.70 14.10 7.29
N MET A 224 25.95 13.73 6.03
CA MET A 224 25.04 12.89 5.26
C MET A 224 25.87 11.86 4.50
N ASP A 225 25.71 10.59 4.86
CA ASP A 225 26.36 9.48 4.17
C ASP A 225 25.32 8.54 3.59
N SER A 226 25.66 7.91 2.48
CA SER A 226 24.72 7.04 1.78
C SER A 226 25.37 5.73 1.42
N PRO A 227 24.60 4.63 1.36
CA PRO A 227 25.16 3.35 0.91
C PRO A 227 25.38 3.28 -0.58
N LEU A 228 24.72 4.11 -1.38
CA LEU A 228 24.92 4.16 -2.82
C LEU A 228 26.21 4.91 -3.14
N LYS A 229 26.48 5.12 -4.43
CA LYS A 229 27.48 6.11 -4.82
C LYS A 229 27.05 7.47 -4.30
N HIS A 230 28.00 8.22 -3.75
CA HIS A 230 27.64 9.51 -3.18
C HIS A 230 28.90 10.32 -2.89
N VAL A 231 28.74 11.63 -2.96
CA VAL A 231 29.72 12.59 -2.47
C VAL A 231 29.05 13.42 -1.39
N SER A 232 29.86 13.97 -0.49
CA SER A 232 29.35 14.84 0.56
C SER A 232 30.28 16.04 0.72
N PHE A 233 29.70 17.23 0.69
CA PHE A 233 30.45 18.46 0.85
C PHE A 233 29.48 19.56 1.23
N SER A 234 30.03 20.63 1.80
CA SER A 234 29.24 21.79 2.18
C SER A 234 29.35 22.87 1.12
N ARG A 235 28.39 23.80 1.14
CA ARG A 235 28.40 24.96 0.25
C ARG A 235 27.41 26.00 0.74
N GLY A 236 27.83 27.25 0.85
CA GLY A 236 26.94 28.30 1.30
C GLY A 236 26.49 28.10 2.74
N ASN A 237 25.22 27.76 2.93
CA ASN A 237 24.69 27.47 4.26
C ASN A 237 24.01 26.11 4.29
N SER A 238 24.51 25.17 3.48
CA SER A 238 23.85 23.88 3.34
C SER A 238 24.88 22.78 3.23
N CYS A 239 24.44 21.56 3.53
CA CYS A 239 25.20 20.34 3.28
C CYS A 239 24.66 19.68 2.01
N ILE A 240 25.56 19.24 1.14
CA ILE A 240 25.19 18.65 -0.13
C ILE A 240 25.65 17.21 -0.17
N MET A 241 24.72 16.29 -0.43
CA MET A 241 25.02 14.91 -0.74
C MET A 241 24.35 14.57 -2.05
N GLN A 242 25.13 14.11 -3.03
CA GLN A 242 24.61 13.72 -4.33
C GLN A 242 25.32 12.47 -4.81
N GLY A 243 24.59 11.60 -5.49
CA GLY A 243 25.18 10.37 -5.97
C GLY A 243 24.26 9.62 -6.90
N GLN A 244 24.68 8.40 -7.22
CA GLN A 244 24.03 7.55 -8.21
C GLN A 244 23.29 6.41 -7.53
N ALA A 245 22.44 5.74 -8.33
CA ALA A 245 21.82 4.48 -7.97
C ALA A 245 22.44 3.35 -8.79
N PRO A 246 22.50 2.13 -8.25
CA PRO A 246 23.19 1.05 -8.98
C PRO A 246 22.56 0.80 -10.33
N SER A 247 23.41 0.64 -11.35
CA SER A 247 22.93 0.33 -12.69
C SER A 247 22.17 -0.99 -12.73
N HIS A 248 22.42 -1.89 -11.78
CA HIS A 248 21.62 -3.09 -11.60
C HIS A 248 21.86 -3.63 -10.20
N ALA A 249 20.79 -4.12 -9.59
CA ALA A 249 20.84 -4.68 -8.24
C ALA A 249 20.10 -6.00 -8.25
N ASP A 250 20.83 -7.10 -8.05
CA ASP A 250 20.18 -8.39 -7.91
C ASP A 250 19.27 -8.37 -6.69
N ARG A 251 18.23 -9.20 -6.72
CA ARG A 251 17.29 -9.21 -5.62
C ARG A 251 17.95 -9.80 -4.38
N ALA A 252 17.27 -9.65 -3.24
CA ALA A 252 17.86 -9.99 -1.96
C ALA A 252 18.16 -11.48 -1.84
N SER A 253 17.45 -12.34 -2.58
CA SER A 253 17.63 -13.77 -2.47
C SER A 253 18.71 -14.33 -3.38
N ILE A 254 19.02 -13.65 -4.48
CA ILE A 254 20.03 -14.14 -5.42
C ILE A 254 21.41 -14.01 -4.78
N LYS A 255 22.16 -15.10 -4.77
CA LYS A 255 23.51 -15.16 -4.20
C LYS A 255 24.50 -15.38 -5.34
N ALA A 256 24.98 -14.30 -5.94
CA ALA A 256 25.86 -14.36 -7.09
C ALA A 256 27.19 -13.67 -6.76
N ASP A 257 28.06 -13.56 -7.77
CA ASP A 257 29.38 -12.99 -7.54
C ASP A 257 29.28 -11.50 -7.22
N GLN A 258 28.63 -10.73 -8.08
CA GLN A 258 28.34 -9.33 -7.82
C GLN A 258 26.83 -9.17 -7.77
N VAL A 259 26.33 -8.58 -6.67
CA VAL A 259 24.90 -8.34 -6.52
C VAL A 259 24.52 -6.89 -6.77
N ILE A 260 25.50 -5.99 -6.84
CA ILE A 260 25.26 -4.55 -7.01
C ILE A 260 26.24 -4.04 -8.05
N PHE A 261 25.71 -3.46 -9.13
CA PHE A 261 26.52 -3.06 -10.28
C PHE A 261 26.43 -1.56 -10.51
N TYR A 262 27.57 -0.95 -10.84
CA TYR A 262 27.66 0.44 -11.26
C TYR A 262 28.39 0.44 -12.60
N ASP A 263 27.62 0.31 -13.68
CA ASP A 263 28.13 0.26 -15.05
C ASP A 263 28.30 1.68 -15.57
N PRO A 264 29.49 2.04 -16.07
CA PRO A 264 29.67 3.43 -16.53
C PRO A 264 28.89 3.76 -17.78
N LYS A 265 28.83 2.84 -18.75
CA LYS A 265 28.15 3.13 -20.02
C LYS A 265 26.67 3.42 -19.80
N GLU A 266 25.93 2.46 -19.28
CA GLU A 266 24.54 2.67 -18.88
C GLU A 266 24.52 2.87 -17.38
N GLU A 267 24.34 4.12 -16.96
CA GLU A 267 24.35 4.46 -15.54
C GLU A 267 22.96 4.32 -14.95
N GLY A 268 22.83 4.58 -13.66
CA GLY A 268 21.55 4.57 -12.99
C GLY A 268 21.03 5.97 -12.71
N LEU A 269 19.96 6.02 -11.93
CA LEU A 269 19.34 7.29 -11.58
C LEU A 269 20.19 8.00 -10.53
N SER A 270 20.61 9.21 -10.83
CA SER A 270 21.39 10.00 -9.88
C SER A 270 20.48 10.91 -9.09
N PHE A 271 20.84 11.15 -7.82
CA PHE A 271 20.03 11.92 -6.90
C PHE A 271 20.82 13.12 -6.39
N TYR A 272 20.09 14.19 -6.07
CA TYR A 272 20.67 15.39 -5.47
C TYR A 272 19.94 15.66 -4.16
N SER A 273 20.70 15.74 -3.07
CA SER A 273 20.14 16.04 -1.77
C SER A 273 20.86 17.25 -1.17
N GLN A 274 20.15 18.00 -0.34
CA GLN A 274 20.66 19.25 0.19
C GLN A 274 19.96 19.56 1.51
N LEU A 275 20.74 19.63 2.59
CA LEU A 275 20.24 19.99 3.91
C LEU A 275 20.62 21.43 4.21
N GLN A 276 19.62 22.29 4.34
CA GLN A 276 19.86 23.70 4.67
C GLN A 276 19.93 23.85 6.18
N VAL A 277 21.08 24.27 6.68
CA VAL A 277 21.31 24.46 8.11
C VAL A 277 21.07 25.92 8.45
N VAL A 278 20.05 26.18 9.25
CA VAL A 278 19.69 27.55 9.62
C VAL A 278 19.70 27.68 11.13
N PRO A 279 20.84 27.92 11.76
CA PRO A 279 20.86 28.18 13.20
C PRO A 279 20.53 29.63 13.50
N GLU A 280 20.17 29.87 14.76
CA GLU A 280 19.93 31.22 15.26
C GLU A 280 20.72 31.41 16.53
N GLY A 281 21.67 32.33 16.50
CA GLY A 281 22.54 32.53 17.64
C GLY A 281 23.86 31.80 17.48
N GLY A 282 24.91 32.37 18.07
CA GLY A 282 26.22 31.77 17.98
C GLY A 282 26.78 31.85 16.57
N ARG A 283 27.69 30.93 16.27
CA ARG A 283 28.31 30.85 14.96
C ARG A 283 28.30 29.40 14.48
N PHE A 284 28.39 29.23 13.17
CA PHE A 284 28.42 27.91 12.56
C PHE A 284 29.29 27.95 11.33
N TRP A 285 30.17 26.96 11.19
CA TRP A 285 31.10 26.90 10.06
C TRP A 285 31.00 25.54 9.36
N LYS A 286 31.90 25.28 8.42
CA LYS A 286 31.84 24.10 7.57
C LYS A 286 32.93 23.14 8.02
N TYR A 287 32.51 22.00 8.56
CA TYR A 287 33.40 21.02 9.19
C TYR A 287 33.38 19.73 8.38
N GLU A 288 34.51 19.43 7.73
CA GLU A 288 34.70 18.17 6.99
C GLU A 288 33.68 18.11 5.87
N ASN A 289 32.86 17.05 5.79
CA ASN A 289 31.87 16.95 4.72
C ASN A 289 30.64 17.82 4.99
N GLY A 290 30.22 17.91 6.24
CA GLY A 290 29.05 18.67 6.62
C GLY A 290 29.41 19.99 7.27
N MET A 291 28.61 20.40 8.24
CA MET A 291 28.84 21.64 8.96
C MET A 291 28.66 21.41 10.46
N ARG A 292 29.19 22.35 11.24
CA ARG A 292 29.24 22.24 12.70
C ARG A 292 28.64 23.49 13.31
N VAL A 293 27.71 23.30 14.24
CA VAL A 293 27.07 24.39 14.96
C VAL A 293 27.49 24.32 16.43
N GLU A 294 27.81 25.48 17.01
CA GLU A 294 28.25 25.56 18.40
C GLU A 294 27.55 26.71 19.10
N HIS A 295 26.88 26.40 20.22
CA HIS A 295 26.34 27.39 21.15
C HIS A 295 25.32 28.30 20.46
N ALA A 296 24.27 27.68 19.94
CA ALA A 296 23.20 28.39 19.25
C ALA A 296 21.94 28.35 20.10
N ASP A 297 21.11 29.39 19.95
CA ASP A 297 19.85 29.43 20.68
C ASP A 297 18.89 28.35 20.21
N SER A 298 18.76 28.19 18.90
CA SER A 298 17.93 27.14 18.31
C SER A 298 18.43 26.85 16.91
N LEU A 299 18.23 25.62 16.47
CA LEU A 299 18.68 25.17 15.17
C LEU A 299 17.48 24.68 14.36
N VAL A 300 17.45 25.06 13.09
CA VAL A 300 16.39 24.66 12.16
C VAL A 300 17.04 24.07 10.93
N LEU A 301 16.61 22.87 10.56
CA LEU A 301 17.13 22.16 9.39
C LEU A 301 16.01 21.92 8.40
N VAL A 302 16.35 22.03 7.11
CA VAL A 302 15.41 21.75 6.02
C VAL A 302 16.13 20.90 4.98
N PHE A 303 15.53 19.76 4.63
CA PHE A 303 16.14 18.81 3.71
C PHE A 303 15.17 18.50 2.57
N SER A 304 15.63 18.68 1.34
CA SER A 304 14.88 18.31 0.15
C SER A 304 15.79 17.59 -0.83
N ALA A 305 15.26 16.55 -1.48
CA ALA A 305 16.05 15.75 -2.40
C ALA A 305 15.22 15.46 -3.65
N ALA A 306 15.94 15.21 -4.75
CA ALA A 306 15.30 14.85 -6.01
C ALA A 306 16.25 14.01 -6.83
N THR A 307 15.70 13.36 -7.85
CA THR A 307 16.46 12.50 -8.76
C THR A 307 16.30 12.99 -10.19
N ASN A 308 17.14 12.46 -11.07
CA ASN A 308 17.07 12.77 -12.50
C ASN A 308 16.14 11.83 -13.25
N PHE A 309 15.21 11.19 -12.55
CA PHE A 309 14.26 10.28 -13.19
C PHE A 309 13.32 11.07 -14.09
N ASP A 310 13.38 10.79 -15.39
CA ASP A 310 12.55 11.47 -16.38
C ASP A 310 11.44 10.60 -16.92
N GLY A 311 11.14 9.47 -16.26
CA GLY A 311 10.10 8.58 -16.72
C GLY A 311 10.58 7.16 -16.96
N PHE A 312 9.65 6.21 -17.00
CA PHE A 312 10.01 4.80 -17.15
C PHE A 312 10.65 4.52 -18.51
N ASP A 313 10.34 5.34 -19.52
CA ASP A 313 10.81 5.12 -20.87
C ASP A 313 12.04 5.94 -21.22
N VAL A 314 12.69 6.55 -20.23
CA VAL A 314 13.86 7.39 -20.44
C VAL A 314 15.04 6.79 -19.70
N PHE A 315 16.14 6.58 -20.42
CA PHE A 315 17.36 6.14 -19.78
C PHE A 315 17.89 7.24 -18.86
N PRO A 316 18.43 6.89 -17.69
CA PRO A 316 18.94 7.93 -16.79
C PRO A 316 20.13 8.70 -17.34
N ARG A 317 20.93 8.08 -18.21
CA ARG A 317 22.03 8.79 -18.85
C ARG A 317 21.56 9.72 -19.95
N LYS A 318 20.33 9.54 -20.44
CA LYS A 318 19.74 10.41 -21.45
C LYS A 318 18.80 11.44 -20.85
N SER A 319 18.69 11.51 -19.53
CA SER A 319 17.71 12.37 -18.89
C SER A 319 18.05 13.84 -19.08
N ARG A 320 17.00 14.65 -19.22
CA ARG A 320 17.14 16.09 -19.37
C ARG A 320 16.88 16.82 -18.06
N ILE A 321 16.75 16.09 -16.95
CA ILE A 321 16.46 16.67 -15.65
C ILE A 321 17.77 16.83 -14.88
N ASP A 322 17.99 18.03 -14.35
CA ASP A 322 19.13 18.27 -13.48
C ASP A 322 18.61 18.33 -12.05
N PRO A 323 18.78 17.28 -11.24
CA PRO A 323 18.18 17.27 -9.90
C PRO A 323 18.67 18.40 -9.00
N CYS A 324 19.86 18.95 -9.26
CA CYS A 324 20.30 20.12 -8.51
C CYS A 324 19.36 21.30 -8.75
N LYS A 325 18.90 21.47 -9.98
CA LYS A 325 17.97 22.56 -10.29
C LYS A 325 16.60 22.30 -9.68
N VAL A 326 16.17 21.04 -9.68
CA VAL A 326 14.86 20.71 -9.13
C VAL A 326 14.81 20.98 -7.64
N VAL A 327 15.90 20.67 -6.93
CA VAL A 327 15.92 20.86 -5.49
C VAL A 327 16.11 22.34 -5.14
N LYS A 328 16.95 23.05 -5.89
CA LYS A 328 17.17 24.47 -5.60
C LYS A 328 15.91 25.29 -5.86
N GLU A 329 15.18 24.97 -6.94
CA GLU A 329 13.90 25.63 -7.20
C GLU A 329 12.89 25.34 -6.10
N THR A 330 12.96 24.13 -5.51
CA THR A 330 12.12 23.83 -4.36
C THR A 330 12.44 24.76 -3.20
N PHE A 331 13.71 25.09 -3.02
CA PHE A 331 14.13 25.96 -1.93
C PHE A 331 13.90 27.43 -2.22
N ARG A 332 13.86 27.81 -3.50
CA ARG A 332 13.53 29.20 -3.83
C ARG A 332 12.10 29.52 -3.42
N LYS A 333 11.16 28.60 -3.68
CA LYS A 333 9.76 28.83 -3.34
C LYS A 333 9.59 28.95 -1.83
N ILE A 334 10.45 28.29 -1.05
CA ILE A 334 10.41 28.44 0.40
C ILE A 334 10.90 29.83 0.81
N GLY A 335 11.91 30.34 0.11
CA GLY A 335 12.51 31.61 0.45
C GLY A 335 13.30 31.50 1.73
N PRO A 336 13.14 32.46 2.63
CA PRO A 336 13.74 32.34 3.96
C PRO A 336 13.09 31.20 4.73
N VAL A 337 13.82 30.71 5.73
CA VAL A 337 13.38 29.54 6.50
C VAL A 337 12.63 30.04 7.73
N ASP A 338 11.31 29.84 7.73
CA ASP A 338 10.46 30.12 8.89
C ASP A 338 9.84 28.79 9.32
N PHE A 339 10.26 28.29 10.48
CA PHE A 339 9.75 27.00 10.93
C PHE A 339 8.25 27.07 11.22
N LYS A 340 7.83 28.04 12.03
CA LYS A 340 6.42 28.14 12.39
C LYS A 340 5.54 28.51 11.20
N GLU A 341 6.13 28.89 10.07
CA GLU A 341 5.36 29.03 8.84
C GLU A 341 5.35 27.73 8.04
N LEU A 342 6.50 27.04 7.97
CA LEU A 342 6.53 25.75 7.29
C LEU A 342 5.70 24.71 8.05
N GLN A 343 5.73 24.76 9.38
CA GLN A 343 4.92 23.84 10.18
C GLN A 343 3.44 24.15 10.02
N LYS A 344 3.09 25.44 9.97
CA LYS A 344 1.69 25.81 9.80
C LYS A 344 1.20 25.48 8.39
N ARG A 345 2.09 25.45 7.41
CA ARG A 345 1.72 25.02 6.07
C ARG A 345 1.65 23.51 5.95
N HIS A 346 2.50 22.78 6.68
CA HIS A 346 2.51 21.32 6.59
C HIS A 346 1.27 20.72 7.24
N ILE A 347 0.97 21.12 8.48
CA ILE A 347 -0.12 20.50 9.22
C ILE A 347 -1.46 20.82 8.56
N ALA A 348 -1.62 22.04 8.05
CA ALA A 348 -2.86 22.41 7.39
C ALA A 348 -3.09 21.55 6.15
N ASP A 349 -2.04 21.33 5.36
CA ASP A 349 -2.16 20.47 4.20
C ASP A 349 -2.45 19.03 4.60
N TYR A 350 -2.00 18.61 5.78
CA TYR A 350 -2.22 17.25 6.23
C TYR A 350 -3.60 17.08 6.85
N ARG A 351 -4.04 18.04 7.67
CA ARG A 351 -5.32 17.90 8.35
C ARG A 351 -6.49 17.88 7.38
N THR A 352 -6.36 18.56 6.23
CA THR A 352 -7.43 18.54 5.24
C THR A 352 -7.73 17.14 4.75
N LEU A 353 -6.77 16.22 4.83
CA LEU A 353 -7.00 14.82 4.49
C LEU A 353 -7.29 13.94 5.71
N PHE A 354 -6.55 14.13 6.80
CA PHE A 354 -6.70 13.25 7.95
C PHE A 354 -7.97 13.51 8.75
N ASP A 355 -8.43 14.76 8.78
CA ASP A 355 -9.61 15.12 9.57
C ASP A 355 -10.91 14.70 8.92
N ARG A 356 -10.86 14.09 7.73
CA ARG A 356 -12.09 13.68 7.07
C ARG A 356 -12.77 12.53 7.79
N VAL A 357 -12.04 11.73 8.55
CA VAL A 357 -12.58 10.58 9.25
C VAL A 357 -12.17 10.65 10.71
N GLY A 358 -13.14 10.55 11.61
CA GLY A 358 -12.86 10.48 13.04
C GLY A 358 -13.38 9.20 13.65
N ILE A 359 -12.56 8.53 14.45
CA ILE A 359 -12.93 7.26 15.07
C ILE A 359 -12.75 7.38 16.57
N GLN A 360 -13.68 6.80 17.33
CA GLN A 360 -13.58 6.75 18.79
C GLN A 360 -14.32 5.49 19.25
N LEU A 361 -13.57 4.44 19.56
CA LEU A 361 -14.14 3.19 20.06
C LEU A 361 -14.19 3.14 21.58
N GLY A 362 -14.23 4.29 22.25
CA GLY A 362 -14.25 4.35 23.69
C GLY A 362 -12.87 4.53 24.29
N LYS A 363 -12.86 4.81 25.59
CA LYS A 363 -11.62 5.03 26.33
C LYS A 363 -10.89 3.72 26.61
N ILE A 367 -4.31 3.78 28.14
CA ILE A 367 -4.50 5.02 27.41
C ILE A 367 -3.39 6.02 27.77
N SER A 368 -2.51 5.63 28.70
CA SER A 368 -1.38 6.46 29.10
C SER A 368 -0.04 5.73 29.07
N LYS A 369 -0.03 4.45 28.70
CA LYS A 369 1.21 3.67 28.69
C LYS A 369 2.01 3.98 27.43
N THR A 370 3.12 3.26 27.26
CA THR A 370 3.92 3.36 26.05
C THR A 370 3.32 2.47 24.96
N THR A 371 3.53 2.88 23.71
CA THR A 371 2.89 2.20 22.59
C THR A 371 3.37 0.76 22.46
N ASP A 372 4.67 0.52 22.68
CA ASP A 372 5.17 -0.85 22.65
C ASP A 372 4.57 -1.68 23.77
N GLN A 373 4.14 -1.05 24.86
CA GLN A 373 3.45 -1.78 25.93
C GLN A 373 1.99 -2.02 25.60
N ARG A 374 1.35 -1.11 24.85
CA ARG A 374 -0.05 -1.30 24.49
C ARG A 374 -0.21 -2.52 23.58
N ILE A 375 0.73 -2.73 22.66
CA ILE A 375 0.66 -3.88 21.76
C ILE A 375 0.79 -5.17 22.55
N LYS A 376 1.66 -5.18 23.55
CA LYS A 376 1.75 -6.35 24.43
C LYS A 376 0.50 -6.53 25.26
N ASP A 377 -0.14 -5.42 25.64
CA ASP A 377 -1.31 -5.46 26.53
C ASP A 377 -2.62 -5.74 25.80
N TYR A 378 -2.62 -5.85 24.46
CA TYR A 378 -3.88 -6.16 23.79
C TYR A 378 -4.30 -7.59 24.04
N ALA A 379 -3.35 -8.51 24.21
CA ALA A 379 -3.70 -9.91 24.46
C ALA A 379 -4.42 -10.10 25.78
N ARG A 380 -4.42 -9.12 26.67
CA ARG A 380 -5.21 -9.16 27.88
C ARG A 380 -6.23 -8.03 27.94
N ASP A 381 -5.83 -6.80 27.65
CA ASP A 381 -6.76 -5.67 27.73
C ASP A 381 -7.71 -5.62 26.55
N GLU A 382 -7.22 -5.92 25.35
CA GLU A 382 -7.98 -5.75 24.11
C GLU A 382 -8.53 -4.33 24.01
N ASP A 383 -7.66 -3.35 24.24
CA ASP A 383 -8.00 -1.94 24.28
C ASP A 383 -8.70 -1.50 23.00
N PRO A 384 -9.98 -1.13 23.07
CA PRO A 384 -10.66 -0.61 21.87
C PRO A 384 -10.09 0.69 21.37
N ASP A 385 -9.29 1.40 22.18
CA ASP A 385 -8.61 2.59 21.69
C ASP A 385 -7.35 2.25 20.91
N LEU A 386 -6.76 1.08 21.15
CA LEU A 386 -5.57 0.68 20.39
C LEU A 386 -5.94 0.28 18.96
N VAL A 387 -7.03 -0.48 18.80
CA VAL A 387 -7.51 -0.79 17.46
C VAL A 387 -8.00 0.48 16.76
N ALA A 388 -8.46 1.47 17.52
CA ALA A 388 -8.84 2.74 16.93
C ALA A 388 -7.63 3.59 16.58
N LEU A 389 -6.52 3.44 17.31
CA LEU A 389 -5.31 4.19 17.00
C LEU A 389 -4.68 3.71 15.70
N THR A 390 -4.51 2.40 15.55
CA THR A 390 -3.93 1.86 14.33
C THR A 390 -4.82 2.16 13.12
N PHE A 391 -6.13 2.26 13.34
CA PHE A 391 -7.06 2.58 12.25
C PHE A 391 -6.70 3.91 11.61
N GLN A 392 -6.47 4.94 12.44
CA GLN A 392 -6.01 6.21 11.91
C GLN A 392 -4.57 6.13 11.42
N TYR A 393 -3.77 5.26 12.03
CA TYR A 393 -2.38 5.10 11.61
C TYR A 393 -2.28 4.58 10.19
N GLY A 394 -3.23 3.73 9.77
CA GLY A 394 -3.25 3.30 8.39
C GLY A 394 -3.57 4.45 7.44
N ARG A 395 -4.53 5.29 7.81
CA ARG A 395 -4.82 6.48 7.02
C ARG A 395 -3.61 7.41 6.96
N TYR A 396 -2.86 7.51 8.06
CA TYR A 396 -1.70 8.38 8.11
C TYR A 396 -0.58 7.88 7.20
N MET A 397 -0.41 6.56 7.09
CA MET A 397 0.69 6.04 6.29
C MET A 397 0.43 6.19 4.81
N LEU A 398 -0.84 6.05 4.39
CA LEU A 398 -1.16 6.20 2.96
C LEU A 398 -1.04 7.64 2.52
N ILE A 399 -1.42 8.59 3.38
CA ILE A 399 -1.27 10.00 3.04
C ILE A 399 0.20 10.37 2.92
N SER A 400 1.01 9.95 3.88
CA SER A 400 2.43 10.29 3.89
C SER A 400 3.27 9.48 2.92
N SER A 401 2.66 8.62 2.10
CA SER A 401 3.38 7.82 1.13
C SER A 401 2.82 7.89 -0.29
N SER A 402 1.60 8.39 -0.47
CA SER A 402 0.97 8.48 -1.78
C SER A 402 0.16 9.74 -1.83
N ARG A 403 0.44 10.59 -2.81
CA ARG A 403 -0.22 11.88 -2.97
C ARG A 403 -0.40 12.14 -4.46
N PRO A 404 -1.33 13.02 -4.83
CA PRO A 404 -1.51 13.33 -6.24
C PRO A 404 -0.26 13.94 -6.85
N GLY A 405 0.10 13.48 -8.03
CA GLY A 405 1.32 13.88 -8.69
C GLY A 405 2.52 13.00 -8.37
N THR A 406 2.47 12.26 -7.27
CA THR A 406 3.59 11.43 -6.84
C THR A 406 3.35 9.98 -7.26
N LEU A 407 4.34 9.14 -6.98
CA LEU A 407 4.22 7.71 -7.22
C LEU A 407 3.38 7.06 -6.12
N PRO A 408 2.81 5.88 -6.41
CA PRO A 408 2.03 5.16 -5.39
C PRO A 408 2.92 4.52 -4.33
N ALA A 409 2.32 3.78 -3.41
CA ALA A 409 3.06 3.21 -2.29
C ALA A 409 3.48 1.78 -2.63
N ASN A 410 4.79 1.51 -2.56
CA ASN A 410 5.32 0.18 -2.82
C ASN A 410 5.15 -0.66 -1.56
N LEU A 411 5.77 -1.83 -1.53
CA LEU A 411 5.59 -2.76 -0.41
C LEU A 411 5.99 -2.15 0.93
N GLN A 412 6.83 -1.11 0.93
CA GLN A 412 7.15 -0.39 2.16
C GLN A 412 6.87 1.10 2.01
N GLY A 413 5.72 1.43 1.40
CA GLY A 413 5.34 2.82 1.22
C GLY A 413 6.33 3.61 0.42
N ILE A 414 7.04 4.53 1.07
CA ILE A 414 8.22 5.16 0.49
C ILE A 414 9.45 4.96 1.35
N TRP A 415 9.35 4.21 2.45
CA TRP A 415 10.42 4.10 3.44
C TRP A 415 11.13 2.77 3.26
N ASN A 416 12.40 2.84 2.88
CA ASN A 416 13.20 1.64 2.74
C ASN A 416 14.68 1.95 3.01
N PRO A 417 15.29 1.31 4.00
CA PRO A 417 16.71 1.53 4.29
C PRO A 417 17.68 0.56 3.64
N LEU A 418 17.21 -0.33 2.77
CA LEU A 418 18.03 -1.43 2.27
C LEU A 418 18.34 -1.27 0.78
N MET A 419 19.60 -1.52 0.42
CA MET A 419 19.97 -1.60 -1.00
C MET A 419 19.15 -2.66 -1.71
N ARG A 420 19.14 -3.89 -1.17
CA ARG A 420 18.40 -5.02 -1.70
C ARG A 420 17.24 -5.35 -0.78
N PRO A 421 16.10 -4.68 -0.92
CA PRO A 421 15.00 -4.86 0.05
C PRO A 421 14.45 -6.27 -0.02
N PRO A 422 13.63 -6.66 0.96
CA PRO A 422 12.85 -7.89 0.82
C PRO A 422 11.83 -7.74 -0.31
N TRP A 423 11.88 -8.67 -1.27
CA TRP A 423 11.04 -8.63 -2.47
C TRP A 423 11.20 -7.32 -3.23
N MET A 424 12.40 -6.74 -3.16
CA MET A 424 12.79 -5.56 -3.93
C MET A 424 11.85 -4.37 -3.75
N SER A 425 11.07 -4.36 -2.67
CA SER A 425 10.09 -3.30 -2.38
C SER A 425 9.35 -2.88 -3.65
N ASN A 426 8.86 -3.88 -4.37
CA ASN A 426 8.26 -3.67 -5.69
C ASN A 426 6.78 -3.33 -5.54
N TRP A 427 6.06 -3.34 -6.65
CA TRP A 427 4.60 -3.22 -6.66
C TRP A 427 4.06 -4.58 -7.09
N THR A 428 3.84 -5.46 -6.12
CA THR A 428 3.23 -6.76 -6.39
C THR A 428 1.73 -6.58 -6.57
N ASN A 429 1.18 -7.06 -7.70
CA ASN A 429 -0.19 -6.76 -8.06
C ASN A 429 -1.18 -7.90 -7.86
N ASP A 430 -0.76 -9.05 -7.34
CA ASP A 430 -1.74 -10.03 -6.86
C ASP A 430 -2.11 -9.73 -5.43
N LEU A 431 -1.20 -9.08 -4.71
CA LEU A 431 -1.40 -8.52 -3.39
C LEU A 431 -0.35 -7.46 -3.16
N ASN A 432 -0.66 -6.54 -2.25
CA ASN A 432 0.14 -5.45 -1.74
C ASN A 432 0.21 -4.24 -2.67
N THR A 433 -0.30 -4.31 -3.91
CA THR A 433 -0.59 -3.06 -4.62
C THR A 433 -2.00 -2.56 -4.31
N GLN A 434 -2.93 -3.50 -4.21
CA GLN A 434 -4.21 -3.28 -3.56
C GLN A 434 -3.98 -3.54 -2.08
N MET A 435 -5.03 -3.33 -1.27
CA MET A 435 -4.96 -3.42 0.18
C MET A 435 -4.22 -2.19 0.71
N ASN A 436 -3.69 -1.38 -0.20
CA ASN A 436 -3.14 -0.09 0.14
C ASN A 436 -4.08 1.05 -0.19
N TYR A 437 -5.02 0.83 -1.10
CA TYR A 437 -5.96 1.85 -1.52
C TYR A 437 -7.41 1.48 -1.24
N TRP A 438 -7.67 0.32 -0.64
CA TRP A 438 -9.03 0.02 -0.20
C TRP A 438 -9.51 1.04 0.82
N LEU A 439 -8.59 1.55 1.65
CA LEU A 439 -8.95 2.56 2.64
C LEU A 439 -9.24 3.90 1.99
N SER A 440 -8.65 4.17 0.82
CA SER A 440 -8.89 5.43 0.13
C SER A 440 -10.30 5.54 -0.42
N TRP A 441 -11.08 4.46 -0.39
CA TRP A 441 -12.47 4.49 -0.82
C TRP A 441 -13.39 4.85 0.34
N THR A 442 -13.35 4.03 1.40
CA THR A 442 -14.29 4.19 2.50
C THR A 442 -13.92 5.35 3.42
N THR A 443 -12.62 5.60 3.60
CA THR A 443 -12.15 6.64 4.51
C THR A 443 -11.90 7.98 3.80
N ASN A 444 -12.40 8.14 2.57
CA ASN A 444 -12.41 9.43 1.89
C ASN A 444 -11.00 10.01 1.74
N LEU A 445 -10.16 9.28 1.02
CA LEU A 445 -8.82 9.76 0.66
C LEU A 445 -8.59 9.56 -0.83
N PRO A 446 -9.38 10.24 -1.68
CA PRO A 446 -9.20 10.05 -3.13
C PRO A 446 -7.91 10.63 -3.67
N GLU A 447 -7.32 11.61 -2.97
CA GLU A 447 -6.09 12.21 -3.46
C GLU A 447 -4.97 11.18 -3.58
N CYS A 448 -4.80 10.36 -2.54
CA CYS A 448 -3.76 9.34 -2.57
C CYS A 448 -3.99 8.33 -3.68
N GLU A 449 -5.27 8.04 -3.98
CA GLU A 449 -5.57 7.05 -5.00
C GLU A 449 -5.25 7.57 -6.40
N LYS A 450 -5.28 8.90 -6.58
CA LYS A 450 -4.97 9.47 -7.89
C LYS A 450 -3.55 9.16 -8.31
N ALA A 451 -2.65 8.94 -7.34
CA ALA A 451 -1.30 8.52 -7.67
C ALA A 451 -1.28 7.10 -8.22
N LEU A 452 -2.26 6.29 -7.84
CA LEU A 452 -2.34 4.93 -8.36
C LEU A 452 -2.97 4.88 -9.74
N ILE A 453 -3.93 5.78 -10.01
CA ILE A 453 -4.55 5.82 -11.33
C ILE A 453 -3.56 6.32 -12.37
N ASP A 454 -2.82 7.40 -12.04
CA ASP A 454 -1.74 7.84 -12.92
C ASP A 454 -0.70 6.75 -13.10
N TRP A 455 -0.51 5.91 -12.07
CA TRP A 455 0.45 4.82 -12.15
C TRP A 455 -0.07 3.69 -13.03
N VAL A 456 -1.35 3.34 -12.89
CA VAL A 456 -1.93 2.32 -13.77
C VAL A 456 -1.92 2.79 -15.21
N ASP A 457 -2.12 4.09 -15.44
CA ASP A 457 -2.15 4.62 -16.80
C ASP A 457 -0.81 4.42 -17.50
N ASN A 458 0.30 4.68 -16.79
CA ASN A 458 1.62 4.55 -17.38
C ASN A 458 2.01 3.11 -17.66
N LEU A 459 1.24 2.13 -17.18
CA LEU A 459 1.53 0.73 -17.47
C LEU A 459 1.17 0.36 -18.91
N ARG A 460 0.25 1.10 -19.53
CA ARG A 460 -0.25 0.71 -20.85
C ARG A 460 0.83 0.74 -21.93
N PRO A 461 1.68 1.77 -22.04
CA PRO A 461 2.76 1.69 -23.04
C PRO A 461 3.63 0.46 -22.88
N ASN A 462 3.88 0.03 -21.65
CA ASN A 462 4.66 -1.18 -21.41
C ASN A 462 3.79 -2.43 -21.37
N GLY A 463 2.49 -2.28 -21.11
CA GLY A 463 1.62 -3.45 -21.05
C GLY A 463 1.12 -3.89 -22.41
N ARG A 464 0.86 -2.94 -23.30
CA ARG A 464 0.52 -3.30 -24.67
C ARG A 464 1.67 -4.03 -25.35
N LYS A 465 2.92 -3.61 -25.08
CA LYS A 465 4.07 -4.27 -25.67
C LYS A 465 4.26 -5.67 -25.11
N THR A 466 3.87 -5.89 -23.84
CA THR A 466 3.97 -7.22 -23.26
C THR A 466 2.80 -8.10 -23.71
N ALA A 467 1.63 -7.50 -23.90
CA ALA A 467 0.47 -8.28 -24.33
C ALA A 467 0.64 -8.81 -25.75
N ARG A 468 1.22 -8.01 -26.63
CA ARG A 468 1.35 -8.39 -28.04
C ARG A 468 2.61 -9.21 -28.31
N THR A 469 3.64 -9.07 -27.47
CA THR A 469 4.85 -9.87 -27.67
C THR A 469 4.69 -11.26 -27.08
N ASN A 470 4.30 -11.36 -25.82
CA ASN A 470 4.27 -12.66 -25.15
C ASN A 470 3.09 -13.51 -25.63
N TYR A 471 1.95 -12.87 -25.90
CA TYR A 471 0.72 -13.60 -26.20
C TYR A 471 0.12 -13.25 -27.56
N GLY A 472 0.54 -12.16 -28.20
CA GLY A 472 -0.10 -11.74 -29.42
C GLY A 472 -1.47 -11.13 -29.24
N ALA A 473 -1.92 -10.95 -27.99
CA ALA A 473 -3.22 -10.38 -27.71
C ALA A 473 -3.19 -8.86 -27.82
N LYS A 474 -4.38 -8.27 -27.85
CA LYS A 474 -4.53 -6.82 -27.92
C LYS A 474 -4.60 -6.25 -26.51
N GLY A 475 -4.84 -4.94 -26.40
CA GLY A 475 -4.94 -4.31 -25.10
C GLY A 475 -3.63 -4.33 -24.35
N TRP A 476 -3.73 -4.12 -23.04
CA TRP A 476 -2.57 -4.11 -22.17
C TRP A 476 -2.81 -5.04 -20.99
N LEU A 477 -1.72 -5.43 -20.34
CA LEU A 477 -1.78 -6.28 -19.16
C LEU A 477 -0.64 -5.91 -18.23
N CYS A 478 -0.55 -6.62 -17.11
CA CYS A 478 0.52 -6.43 -16.14
C CYS A 478 0.54 -7.63 -15.19
N HIS A 479 1.72 -8.19 -14.97
CA HIS A 479 1.88 -9.33 -14.06
C HIS A 479 1.99 -8.80 -12.63
N ASN A 480 2.34 -9.67 -11.68
CA ASN A 480 2.30 -9.28 -10.28
C ASN A 480 3.38 -8.25 -9.95
N THR A 481 4.65 -8.61 -10.15
CA THR A 481 5.76 -7.78 -9.73
C THR A 481 6.06 -6.76 -10.82
N THR A 482 5.96 -5.48 -10.48
CA THR A 482 6.36 -4.39 -11.35
C THR A 482 7.16 -3.37 -10.54
N ASP A 483 8.09 -2.72 -11.21
CA ASP A 483 9.03 -1.78 -10.59
C ASP A 483 8.82 -0.39 -11.20
N LEU A 484 9.70 0.54 -10.83
CA LEU A 484 9.59 1.91 -11.32
C LEU A 484 9.62 1.96 -12.85
N TRP A 485 10.37 1.08 -13.49
CA TRP A 485 10.45 1.03 -14.94
C TRP A 485 9.23 0.38 -15.58
N MET A 486 8.19 0.10 -14.79
CA MET A 486 6.90 -0.42 -15.29
C MET A 486 7.09 -1.73 -16.04
N GLN A 487 7.59 -2.74 -15.32
CA GLN A 487 7.75 -4.07 -15.89
C GLN A 487 6.42 -4.80 -15.83
N THR A 488 5.78 -4.96 -16.98
CA THR A 488 4.54 -5.71 -17.08
C THR A 488 4.78 -7.18 -17.40
N ALA A 489 6.03 -7.63 -17.40
CA ALA A 489 6.40 -8.99 -17.76
C ALA A 489 6.51 -9.85 -16.52
N PRO A 490 6.61 -11.17 -16.68
CA PRO A 490 6.81 -12.06 -15.53
C PRO A 490 8.10 -11.75 -14.78
N ALA A 491 8.23 -12.40 -13.62
CA ALA A 491 9.34 -12.16 -12.70
C ALA A 491 10.25 -13.37 -12.67
N GLY A 492 11.34 -13.30 -13.44
CA GLY A 492 12.42 -14.26 -13.36
C GLY A 492 12.05 -15.68 -13.69
N ILE A 493 13.01 -16.60 -13.52
CA ILE A 493 12.77 -18.02 -13.73
C ILE A 493 12.54 -18.63 -12.34
N GLU A 494 11.27 -18.71 -11.95
CA GLU A 494 10.91 -19.32 -10.67
C GLU A 494 9.68 -20.19 -10.90
N ARG A 495 9.10 -20.68 -9.80
CA ARG A 495 7.93 -21.55 -9.88
C ARG A 495 6.77 -20.82 -10.56
N PRO A 496 6.11 -21.43 -11.54
CA PRO A 496 5.05 -20.72 -12.28
C PRO A 496 3.89 -20.28 -11.42
N ARG A 497 3.74 -20.78 -10.20
CA ARG A 497 2.69 -20.30 -9.31
C ARG A 497 2.93 -18.87 -8.86
N TRP A 498 4.14 -18.35 -9.04
CA TRP A 498 4.49 -17.00 -8.62
C TRP A 498 4.54 -16.00 -9.76
N CYS A 499 5.07 -16.40 -10.92
CA CYS A 499 5.43 -15.47 -11.97
C CYS A 499 4.54 -15.59 -13.20
N ILE A 500 3.29 -16.02 -13.03
CA ILE A 500 2.35 -16.04 -14.14
C ILE A 500 1.01 -15.53 -13.65
N LEU A 501 0.70 -14.27 -13.97
CA LEU A 501 -0.59 -13.70 -13.61
C LEU A 501 -0.88 -12.49 -14.49
N PRO A 502 -1.26 -12.70 -15.76
CA PRO A 502 -1.57 -11.57 -16.64
C PRO A 502 -2.74 -10.73 -16.16
N LEU A 503 -3.63 -11.29 -15.35
CA LEU A 503 -4.80 -10.57 -14.88
C LEU A 503 -4.51 -9.68 -13.68
N GLY A 504 -3.24 -9.48 -13.34
CA GLY A 504 -2.91 -8.53 -12.28
C GLY A 504 -3.34 -7.12 -12.64
N GLY A 505 -3.13 -6.73 -13.89
CA GLY A 505 -3.60 -5.43 -14.34
C GLY A 505 -5.11 -5.33 -14.40
N VAL A 506 -5.81 -6.46 -14.48
CA VAL A 506 -7.27 -6.45 -14.46
C VAL A 506 -7.77 -6.06 -13.08
N TRP A 507 -7.14 -6.59 -12.03
CA TRP A 507 -7.46 -6.17 -10.67
C TRP A 507 -7.17 -4.69 -10.47
N LEU A 508 -6.04 -4.21 -10.99
CA LEU A 508 -5.74 -2.79 -10.87
C LEU A 508 -6.83 -1.92 -11.48
N CYS A 509 -7.56 -2.44 -12.47
CA CYS A 509 -8.65 -1.68 -13.05
C CYS A 509 -9.85 -1.56 -12.12
N GLN A 510 -9.96 -2.45 -11.14
CA GLN A 510 -11.05 -2.35 -10.18
C GLN A 510 -10.99 -1.02 -9.42
N HIS A 511 -9.77 -0.59 -9.09
CA HIS A 511 -9.61 0.68 -8.38
C HIS A 511 -9.99 1.86 -9.25
N LEU A 512 -10.04 1.69 -10.57
CA LEU A 512 -10.44 2.77 -11.45
C LEU A 512 -11.94 3.04 -11.36
N TRP A 513 -12.73 1.97 -11.37
CA TRP A 513 -14.19 2.14 -11.29
C TRP A 513 -14.63 2.50 -9.89
N MET A 514 -14.02 1.88 -8.87
CA MET A 514 -14.37 2.20 -7.49
C MET A 514 -14.07 3.65 -7.17
N HIS A 515 -13.04 4.22 -7.81
CA HIS A 515 -12.72 5.64 -7.59
C HIS A 515 -13.85 6.55 -8.06
N TYR A 516 -14.69 6.08 -8.98
CA TYR A 516 -15.85 6.86 -9.39
C TYR A 516 -17.08 6.56 -8.56
N VAL A 517 -17.27 5.30 -8.18
CA VAL A 517 -18.45 4.92 -7.41
C VAL A 517 -18.46 5.62 -6.07
N PHE A 518 -17.29 5.82 -5.47
CA PHE A 518 -17.19 6.42 -4.14
C PHE A 518 -17.09 7.94 -4.20
N HIS A 519 -16.42 8.48 -5.21
CA HIS A 519 -16.10 9.91 -5.25
C HIS A 519 -16.92 10.69 -6.26
N GLY A 520 -17.31 10.07 -7.38
CA GLY A 520 -18.19 10.75 -8.32
C GLY A 520 -17.48 11.62 -9.34
N ASP A 521 -16.35 11.17 -9.86
CA ASP A 521 -15.59 11.90 -10.87
C ASP A 521 -16.09 11.46 -12.25
N ARG A 522 -17.15 12.12 -12.72
CA ARG A 522 -17.74 11.69 -14.00
C ARG A 522 -16.87 12.12 -15.18
N GLU A 523 -16.37 13.36 -15.15
CA GLU A 523 -15.50 13.82 -16.22
C GLU A 523 -14.17 13.05 -16.21
N PHE A 524 -13.64 12.80 -15.02
CA PHE A 524 -12.40 12.04 -14.91
C PHE A 524 -12.62 10.57 -15.30
N LEU A 525 -13.81 10.03 -15.05
CA LEU A 525 -14.15 8.71 -15.54
C LEU A 525 -14.16 8.69 -17.07
N GLU A 526 -14.55 9.80 -17.69
CA GLU A 526 -14.72 9.82 -19.14
C GLU A 526 -13.36 9.91 -19.84
N LYS A 527 -12.51 10.82 -19.41
CA LYS A 527 -11.28 11.10 -20.15
C LYS A 527 -10.11 10.25 -19.70
N ARG A 528 -10.09 9.80 -18.45
CA ARG A 528 -8.97 9.00 -17.97
C ARG A 528 -9.36 7.59 -17.58
N SER A 529 -10.37 7.42 -16.73
CA SER A 529 -10.59 6.11 -16.09
C SER A 529 -11.06 5.07 -17.10
N TYR A 530 -12.15 5.36 -17.81
CA TYR A 530 -12.70 4.37 -18.75
C TYR A 530 -11.74 4.02 -19.88
N PRO A 531 -11.00 4.95 -20.48
CA PRO A 531 -10.03 4.55 -21.51
C PRO A 531 -9.04 3.49 -21.04
N ILE A 532 -8.61 3.53 -19.78
CA ILE A 532 -7.74 2.47 -19.30
C ILE A 532 -8.53 1.19 -19.06
N MET A 533 -9.74 1.31 -18.49
CA MET A 533 -10.55 0.13 -18.25
C MET A 533 -10.94 -0.56 -19.55
N ARG A 534 -11.02 0.18 -20.66
CA ARG A 534 -11.50 -0.39 -21.90
C ARG A 534 -10.45 -1.26 -22.57
N GLU A 535 -9.18 -0.84 -22.54
CA GLU A 535 -8.14 -1.63 -23.17
C GLU A 535 -7.86 -2.91 -22.40
N ALA A 536 -7.92 -2.85 -21.06
CA ALA A 536 -7.72 -4.06 -20.26
C ALA A 536 -8.80 -5.09 -20.54
N ALA A 537 -10.02 -4.63 -20.87
CA ALA A 537 -11.07 -5.56 -21.27
C ALA A 537 -10.81 -6.11 -22.66
N GLU A 538 -10.17 -5.34 -23.53
CA GLU A 538 -9.85 -5.82 -24.87
C GLU A 538 -8.91 -7.02 -24.80
N PHE A 539 -7.91 -6.97 -23.91
CA PHE A 539 -7.02 -8.12 -23.74
C PHE A 539 -7.78 -9.33 -23.23
N CYS A 540 -8.71 -9.12 -22.29
CA CYS A 540 -9.46 -10.24 -21.74
C CYS A 540 -10.29 -10.93 -22.81
N LEU A 541 -10.69 -10.20 -23.85
CA LEU A 541 -11.39 -10.84 -24.96
C LEU A 541 -10.47 -11.78 -25.72
N ASP A 542 -9.21 -11.41 -25.89
CA ASP A 542 -8.23 -12.27 -26.54
C ASP A 542 -7.57 -13.25 -25.58
N TRP A 543 -7.80 -13.11 -24.28
CA TRP A 543 -7.31 -14.07 -23.31
C TRP A 543 -8.31 -15.17 -23.02
N LEU A 544 -9.60 -14.88 -23.19
CA LEU A 544 -10.65 -15.87 -22.97
C LEU A 544 -10.82 -16.75 -24.21
N ILE A 545 -10.88 -18.07 -23.99
CA ILE A 545 -11.06 -19.04 -25.06
C ILE A 545 -12.20 -19.97 -24.67
N LYS A 546 -12.62 -20.79 -25.63
CA LYS A 546 -13.73 -21.73 -25.44
C LYS A 546 -13.22 -23.12 -25.14
N ASP A 547 -13.95 -23.83 -24.28
CA ASP A 547 -13.69 -25.22 -23.98
C ASP A 547 -14.65 -26.12 -24.74
N SER A 548 -14.58 -27.42 -24.47
CA SER A 548 -15.52 -28.36 -25.08
C SER A 548 -16.94 -28.05 -24.68
N ASP A 549 -17.15 -27.62 -23.43
CA ASP A 549 -18.47 -27.26 -22.94
C ASP A 549 -18.92 -25.87 -23.39
N GLY A 550 -18.14 -25.19 -24.23
CA GLY A 550 -18.53 -23.89 -24.72
C GLY A 550 -18.44 -22.77 -23.72
N TYR A 551 -17.81 -22.99 -22.58
CA TYR A 551 -17.62 -21.94 -21.59
C TYR A 551 -16.43 -21.06 -21.96
N TYR A 552 -16.42 -19.85 -21.42
CA TYR A 552 -15.30 -18.93 -21.58
C TYR A 552 -14.31 -19.15 -20.44
N VAL A 553 -13.09 -19.57 -20.78
CA VAL A 553 -12.09 -19.97 -19.81
C VAL A 553 -10.80 -19.21 -20.08
N THR A 554 -9.89 -19.26 -19.10
CA THR A 554 -8.55 -18.74 -19.25
C THR A 554 -7.56 -19.89 -19.22
N CYS A 555 -6.59 -19.86 -20.13
CA CYS A 555 -5.57 -20.90 -20.16
C CYS A 555 -4.29 -20.34 -20.76
N PRO A 556 -3.17 -20.32 -20.02
CA PRO A 556 -2.98 -20.86 -18.68
C PRO A 556 -3.66 -20.01 -17.61
N SER A 557 -4.00 -20.63 -16.48
CA SER A 557 -4.70 -19.95 -15.40
C SER A 557 -4.23 -20.54 -14.08
N VAL A 558 -3.86 -19.67 -13.13
CA VAL A 558 -3.40 -20.11 -11.82
C VAL A 558 -4.10 -19.27 -10.75
N SER A 559 -4.58 -19.94 -9.72
CA SER A 559 -4.99 -19.24 -8.52
C SER A 559 -3.74 -18.77 -7.81
N PRO A 560 -3.62 -17.46 -7.51
CA PRO A 560 -2.32 -16.91 -7.09
C PRO A 560 -1.57 -17.69 -6.02
N GLU A 561 -0.38 -18.15 -6.42
CA GLU A 561 0.62 -18.73 -5.52
C GLU A 561 0.13 -20.00 -4.83
N ASN A 562 -0.85 -20.69 -5.40
CA ASN A 562 -1.33 -21.94 -4.85
C ASN A 562 -1.20 -23.05 -5.88
N TRP A 563 -0.84 -24.24 -5.40
CA TRP A 563 -0.69 -25.42 -6.23
C TRP A 563 -1.74 -26.45 -5.87
N PHE A 564 -2.16 -27.23 -6.88
CA PHE A 564 -3.21 -28.23 -6.69
C PHE A 564 -2.70 -29.66 -6.68
N ALA A 565 -1.56 -29.94 -7.31
CA ALA A 565 -1.03 -31.29 -7.38
C ALA A 565 0.47 -31.24 -7.12
N THR A 566 1.11 -32.40 -7.17
CA THR A 566 2.53 -32.48 -6.91
C THR A 566 3.15 -33.61 -7.72
N ALA A 567 4.39 -33.41 -8.14
CA ALA A 567 5.19 -34.41 -8.83
C ALA A 567 6.60 -34.42 -8.26
N GLY A 568 6.72 -34.28 -6.95
CA GLY A 568 8.01 -34.09 -6.32
C GLY A 568 8.18 -32.66 -5.86
N ASP A 569 9.20 -31.98 -6.38
CA ASP A 569 9.34 -30.55 -6.16
C ASP A 569 8.53 -29.73 -7.15
N LYS A 570 7.65 -30.39 -7.91
CA LYS A 570 6.84 -29.75 -8.94
C LYS A 570 5.52 -29.34 -8.31
N GLN A 571 5.45 -28.10 -7.84
CA GLN A 571 4.21 -27.55 -7.29
C GLN A 571 3.32 -27.14 -8.46
N LEU A 572 2.56 -28.10 -8.97
CA LEU A 572 1.77 -27.89 -10.18
C LEU A 572 0.74 -26.78 -9.95
N SER A 573 0.76 -25.78 -10.83
CA SER A 573 -0.09 -24.60 -10.67
C SER A 573 -0.86 -24.21 -11.93
N ILE A 574 -0.45 -24.66 -13.11
CA ILE A 574 -1.13 -24.28 -14.34
C ILE A 574 -2.42 -25.06 -14.48
N SER A 575 -3.53 -24.35 -14.53
CA SER A 575 -4.86 -24.95 -14.59
C SER A 575 -5.71 -24.11 -15.51
N LYS A 576 -7.01 -24.37 -15.49
CA LYS A 576 -7.95 -23.76 -16.42
C LYS A 576 -9.04 -23.03 -15.64
N ALA A 577 -9.37 -21.84 -16.11
CA ALA A 577 -10.49 -21.03 -15.60
C ALA A 577 -10.60 -21.09 -14.07
N SER A 578 -9.49 -20.74 -13.42
CA SER A 578 -9.51 -20.68 -11.96
C SER A 578 -10.50 -19.64 -11.48
N THR A 579 -11.03 -19.86 -10.28
CA THR A 579 -12.04 -18.95 -9.74
C THR A 579 -11.50 -17.53 -9.62
N TYR A 580 -10.21 -17.38 -9.37
CA TYR A 580 -9.61 -16.04 -9.30
C TYR A 580 -9.76 -15.30 -10.63
N ASP A 581 -9.41 -15.96 -11.73
CA ASP A 581 -9.47 -15.30 -13.03
C ASP A 581 -10.90 -15.00 -13.43
N MET A 582 -11.82 -15.92 -13.12
CA MET A 582 -13.21 -15.74 -13.52
C MET A 582 -13.91 -14.64 -12.73
N GLN A 583 -13.38 -14.28 -11.55
CA GLN A 583 -13.99 -13.20 -10.78
C GLN A 583 -13.48 -11.84 -11.23
N LEU A 584 -12.22 -11.77 -11.64
CA LEU A 584 -11.66 -10.49 -12.10
C LEU A 584 -12.25 -10.10 -13.45
N ILE A 585 -12.25 -11.02 -14.41
CA ILE A 585 -12.77 -10.69 -15.74
C ILE A 585 -14.25 -10.36 -15.66
N ARG A 586 -14.98 -11.05 -14.77
CA ARG A 586 -16.38 -10.70 -14.56
C ARG A 586 -16.51 -9.35 -13.87
N ASP A 587 -15.57 -9.02 -12.97
CA ASP A 587 -15.61 -7.73 -12.29
C ASP A 587 -15.21 -6.60 -13.23
N LEU A 588 -14.24 -6.86 -14.11
CA LEU A 588 -13.83 -5.83 -15.06
C LEU A 588 -14.89 -5.63 -16.14
N PHE A 589 -15.49 -6.72 -16.62
CA PHE A 589 -16.52 -6.60 -17.65
C PHE A 589 -17.78 -5.94 -17.10
N THR A 590 -18.17 -6.30 -15.88
CA THR A 590 -19.34 -5.67 -15.24
C THR A 590 -19.11 -4.19 -15.03
N ASN A 591 -17.93 -3.82 -14.54
CA ASN A 591 -17.64 -2.41 -14.27
C ASN A 591 -17.47 -1.60 -15.54
N CYS A 592 -17.12 -2.25 -16.66
CA CYS A 592 -17.02 -1.52 -17.92
C CYS A 592 -18.38 -1.29 -18.53
N ILE A 593 -19.31 -2.24 -18.38
CA ILE A 593 -20.66 -2.08 -18.90
C ILE A 593 -21.37 -0.94 -18.17
N GLN A 594 -21.25 -0.90 -16.84
CA GLN A 594 -21.85 0.19 -16.08
C GLN A 594 -21.14 1.52 -16.37
N ALA A 595 -19.85 1.47 -16.73
CA ALA A 595 -19.14 2.68 -17.13
C ALA A 595 -19.66 3.21 -18.45
N ALA A 596 -19.96 2.31 -19.39
CA ALA A 596 -20.50 2.74 -20.68
C ALA A 596 -21.95 3.22 -20.55
N LYS A 597 -22.72 2.63 -19.64
CA LYS A 597 -24.07 3.10 -19.38
C LYS A 597 -24.05 4.52 -18.85
N VAL A 598 -23.10 4.84 -17.97
CA VAL A 598 -22.99 6.19 -17.42
C VAL A 598 -22.52 7.16 -18.48
N LEU A 599 -21.49 6.78 -19.24
CA LEU A 599 -20.91 7.66 -20.25
C LEU A 599 -21.67 7.61 -21.57
N ASN A 600 -22.64 6.69 -21.69
CA ASN A 600 -23.52 6.63 -22.86
C ASN A 600 -22.73 6.46 -24.16
N THR A 601 -22.01 5.35 -24.24
CA THR A 601 -21.22 5.04 -25.44
C THR A 601 -20.88 3.55 -25.42
N ASP A 602 -20.26 3.11 -26.52
CA ASP A 602 -19.79 1.74 -26.68
C ASP A 602 -20.92 0.73 -26.48
N LYS A 603 -21.97 0.88 -27.30
CA LYS A 603 -23.10 -0.04 -27.22
C LYS A 603 -22.71 -1.44 -27.69
N GLU A 604 -21.96 -1.54 -28.80
CA GLU A 604 -21.57 -2.85 -29.29
C GLU A 604 -20.48 -3.48 -28.42
N PHE A 605 -19.62 -2.66 -27.82
CA PHE A 605 -18.55 -3.21 -26.99
C PHE A 605 -19.11 -3.80 -25.69
N SER A 606 -20.04 -3.10 -25.05
CA SER A 606 -20.64 -3.62 -23.82
C SER A 606 -21.42 -4.90 -24.09
N ALA A 607 -22.17 -4.93 -25.18
CA ALA A 607 -22.92 -6.15 -25.52
C ALA A 607 -21.98 -7.32 -25.79
N LYS A 608 -20.81 -7.05 -26.36
CA LYS A 608 -19.82 -8.10 -26.53
C LYS A 608 -19.30 -8.58 -25.19
N LEU A 609 -19.12 -7.65 -24.24
CA LEU A 609 -18.68 -8.05 -22.91
C LEU A 609 -19.79 -8.76 -22.14
N GLN A 610 -21.03 -8.32 -22.33
CA GLN A 610 -22.14 -8.97 -21.62
C GLN A 610 -22.35 -10.39 -22.12
N GLU A 611 -22.14 -10.63 -23.42
CA GLU A 611 -22.23 -12.00 -23.93
C GLU A 611 -21.12 -12.87 -23.38
N ARG A 612 -19.90 -12.32 -23.29
CA ARG A 612 -18.80 -13.09 -22.70
C ARG A 612 -19.06 -13.34 -21.21
N MET A 613 -19.70 -12.39 -20.52
CA MET A 613 -19.98 -12.55 -19.11
C MET A 613 -21.08 -13.58 -18.85
N ASP A 614 -21.86 -13.93 -19.88
CA ASP A 614 -22.92 -14.93 -19.75
C ASP A 614 -22.42 -16.35 -19.87
N HIS A 615 -21.14 -16.56 -20.18
CA HIS A 615 -20.66 -17.92 -20.44
C HIS A 615 -19.33 -18.21 -19.75
N LEU A 616 -19.01 -17.50 -18.67
CA LEU A 616 -17.82 -17.82 -17.90
C LEU A 616 -17.98 -19.18 -17.24
N TYR A 617 -16.84 -19.77 -16.87
CA TYR A 617 -16.87 -21.07 -16.21
C TYR A 617 -17.67 -20.96 -14.91
N PRO A 618 -18.58 -21.88 -14.64
CA PRO A 618 -19.53 -21.69 -13.55
C PRO A 618 -18.90 -21.88 -12.17
N GLN A 619 -19.57 -21.30 -11.18
CA GLN A 619 -19.22 -21.56 -9.79
C GLN A 619 -19.53 -23.00 -9.42
N LYS A 620 -18.68 -23.59 -8.59
CA LYS A 620 -18.90 -24.95 -8.10
C LYS A 620 -18.63 -24.99 -6.61
N ILE A 621 -19.51 -25.68 -5.89
CA ILE A 621 -19.37 -25.89 -4.45
C ILE A 621 -18.74 -27.25 -4.22
N GLY A 622 -17.59 -27.27 -3.56
CA GLY A 622 -16.82 -28.49 -3.39
C GLY A 622 -17.52 -29.51 -2.52
N GLN A 623 -16.88 -30.68 -2.42
CA GLN A 623 -17.45 -31.76 -1.64
C GLN A 623 -17.52 -31.41 -0.15
N TYR A 624 -16.62 -30.55 0.31
CA TYR A 624 -16.65 -30.09 1.70
C TYR A 624 -17.60 -28.93 1.91
N GLY A 625 -18.29 -28.46 0.87
CA GLY A 625 -19.13 -27.30 0.97
C GLY A 625 -18.43 -25.99 0.74
N GLN A 626 -17.17 -26.01 0.36
CA GLN A 626 -16.36 -24.81 0.17
C GLN A 626 -16.49 -24.30 -1.26
N LEU A 627 -16.12 -23.03 -1.43
CA LEU A 627 -16.05 -22.46 -2.77
C LEU A 627 -14.80 -22.99 -3.48
N GLN A 628 -15.01 -23.60 -4.65
CA GLN A 628 -13.90 -24.26 -5.35
C GLN A 628 -12.89 -23.23 -5.82
N GLU A 629 -11.63 -23.42 -5.43
CA GLU A 629 -10.59 -22.50 -5.84
C GLU A 629 -10.27 -22.63 -7.31
N TRP A 630 -10.23 -23.85 -7.82
CA TRP A 630 -9.94 -24.13 -9.22
C TRP A 630 -11.21 -24.62 -9.91
N SER A 631 -11.07 -24.93 -11.20
CA SER A 631 -12.20 -25.41 -11.99
C SER A 631 -12.67 -26.79 -11.58
N GLU A 632 -11.91 -27.50 -10.75
CA GLU A 632 -12.30 -28.82 -10.27
C GLU A 632 -12.18 -28.84 -8.75
N ASP A 633 -12.72 -29.89 -8.15
CA ASP A 633 -12.77 -30.05 -6.70
C ASP A 633 -11.41 -30.52 -6.19
N TRP A 634 -10.46 -29.60 -6.16
CA TRP A 634 -9.10 -29.90 -5.74
C TRP A 634 -8.75 -29.30 -4.38
N ASP A 635 -9.70 -28.68 -3.70
CA ASP A 635 -9.41 -28.11 -2.39
C ASP A 635 -9.23 -29.19 -1.35
N LYS A 636 -8.21 -29.02 -0.50
CA LYS A 636 -7.84 -29.98 0.53
C LYS A 636 -7.99 -29.35 1.91
N PRO A 637 -8.58 -30.08 2.87
CA PRO A 637 -8.95 -29.44 4.14
C PRO A 637 -7.77 -29.07 5.03
N GLU A 638 -6.59 -29.63 4.82
CA GLU A 638 -5.39 -29.23 5.56
C GLU A 638 -4.50 -28.30 4.75
N ASP A 639 -5.04 -27.66 3.73
CA ASP A 639 -4.31 -26.66 2.95
C ASP A 639 -4.21 -25.38 3.77
N GLN A 640 -3.05 -25.15 4.37
CA GLN A 640 -2.81 -23.97 5.19
C GLN A 640 -2.11 -22.86 4.41
N HIS A 641 -2.35 -22.80 3.10
CA HIS A 641 -1.79 -21.75 2.28
C HIS A 641 -2.28 -20.38 2.75
N ARG A 642 -1.60 -19.33 2.29
CA ARG A 642 -1.86 -17.98 2.75
C ARG A 642 -2.69 -17.16 1.76
N HIS A 643 -2.73 -17.56 0.49
CA HIS A 643 -3.46 -16.84 -0.55
C HIS A 643 -4.78 -17.54 -0.80
N ILE A 644 -5.85 -17.04 -0.18
CA ILE A 644 -7.20 -17.48 -0.52
C ILE A 644 -7.67 -16.54 -1.64
N SER A 645 -7.31 -16.89 -2.87
CA SER A 645 -7.57 -16.00 -4.00
C SER A 645 -9.03 -16.00 -4.42
N HIS A 646 -9.65 -17.17 -4.50
CA HIS A 646 -11.06 -17.26 -4.89
C HIS A 646 -11.97 -16.48 -3.95
N LEU A 647 -11.46 -16.06 -2.79
CA LEU A 647 -12.19 -15.17 -1.89
C LEU A 647 -12.03 -13.71 -2.26
N PHE A 648 -11.46 -13.42 -3.43
CA PHE A 648 -11.47 -12.06 -3.96
C PHE A 648 -12.88 -11.50 -3.97
N GLY A 649 -13.85 -12.30 -4.43
CA GLY A 649 -15.22 -11.83 -4.51
C GLY A 649 -15.80 -11.34 -3.19
N LEU A 650 -15.27 -11.81 -2.06
CA LEU A 650 -15.94 -11.50 -0.80
C LEU A 650 -15.55 -10.12 -0.26
N PHE A 651 -14.28 -9.92 0.14
CA PHE A 651 -13.91 -8.57 0.57
C PHE A 651 -13.62 -7.63 -0.61
N PRO A 652 -12.62 -7.92 -1.48
CA PRO A 652 -12.39 -6.97 -2.58
C PRO A 652 -13.31 -7.24 -3.78
N GLY A 653 -14.55 -6.80 -3.67
CA GLY A 653 -15.53 -7.04 -4.68
C GLY A 653 -16.91 -7.15 -4.06
N ASP A 654 -17.89 -7.48 -4.91
CA ASP A 654 -19.28 -7.48 -4.49
C ASP A 654 -20.04 -8.70 -4.99
N GLN A 655 -19.36 -9.80 -5.31
CA GLN A 655 -20.02 -10.94 -5.91
C GLN A 655 -20.54 -11.94 -4.88
N LEU A 656 -19.73 -12.26 -3.87
CA LEU A 656 -20.16 -13.23 -2.84
C LEU A 656 -20.83 -12.48 -1.71
N THR A 657 -22.12 -12.23 -1.88
CA THR A 657 -22.96 -11.54 -0.92
C THR A 657 -24.22 -12.34 -0.69
N PRO A 658 -24.87 -12.19 0.46
CA PRO A 658 -26.09 -12.97 0.72
C PRO A 658 -27.21 -12.72 -0.27
N ASN A 659 -27.34 -11.49 -0.77
CA ASN A 659 -28.44 -11.15 -1.67
C ASN A 659 -28.11 -11.39 -3.13
N LYS A 660 -26.83 -11.38 -3.51
CA LYS A 660 -26.46 -11.60 -4.91
C LYS A 660 -26.15 -13.06 -5.19
N ASN A 661 -25.36 -13.70 -4.33
CA ASN A 661 -24.88 -15.06 -4.56
C ASN A 661 -24.82 -15.78 -3.22
N PRO A 662 -25.97 -16.22 -2.69
CA PRO A 662 -25.96 -16.89 -1.39
C PRO A 662 -25.16 -18.18 -1.39
N GLU A 663 -25.12 -18.89 -2.53
CA GLU A 663 -24.36 -20.13 -2.61
C GLU A 663 -22.87 -19.87 -2.44
N GLY A 664 -22.32 -18.94 -3.22
CA GLY A 664 -20.91 -18.61 -3.08
C GLY A 664 -20.58 -17.86 -1.81
N TRP A 665 -21.60 -17.28 -1.15
CA TRP A 665 -21.35 -16.59 0.11
C TRP A 665 -21.22 -17.58 1.26
N LYS A 666 -22.13 -18.55 1.33
CA LYS A 666 -22.00 -19.60 2.33
C LYS A 666 -20.79 -20.48 2.05
N GLY A 667 -20.52 -20.77 0.78
CA GLY A 667 -19.35 -21.55 0.43
C GLY A 667 -18.04 -20.82 0.65
N ALA A 668 -18.08 -19.48 0.71
CA ALA A 668 -16.87 -18.74 1.02
C ALA A 668 -16.51 -18.86 2.50
N ARG A 669 -17.52 -18.94 3.37
CA ARG A 669 -17.26 -19.16 4.79
C ARG A 669 -16.59 -20.52 5.02
N GLN A 670 -17.07 -21.56 4.34
CA GLN A 670 -16.45 -22.87 4.50
C GLN A 670 -15.04 -22.89 3.94
N SER A 671 -14.78 -22.13 2.87
CA SER A 671 -13.43 -22.04 2.35
C SER A 671 -12.49 -21.42 3.38
N LEU A 672 -12.91 -20.29 3.97
CA LEU A 672 -12.06 -19.58 4.93
C LEU A 672 -11.75 -20.44 6.15
N LEU A 673 -12.74 -21.17 6.67
CA LEU A 673 -12.51 -22.04 7.82
C LEU A 673 -11.50 -23.13 7.47
N MET A 674 -11.60 -23.70 6.26
CA MET A 674 -10.67 -24.73 5.85
C MET A 674 -9.24 -24.21 5.80
N ARG A 675 -9.06 -22.94 5.44
CA ARG A 675 -7.72 -22.38 5.27
C ARG A 675 -7.16 -21.81 6.56
N SER A 676 -7.96 -21.73 7.61
CA SER A 676 -7.52 -21.23 8.91
C SER A 676 -7.51 -22.32 9.97
N GLY A 677 -7.24 -23.56 9.57
CA GLY A 677 -7.21 -24.67 10.50
C GLY A 677 -8.55 -24.97 11.12
N ALA A 689 -0.57 -19.09 8.31
CA ALA A 689 -1.89 -18.47 8.15
C ALA A 689 -2.01 -17.19 8.97
N ASP A 690 -0.89 -16.74 9.52
CA ASP A 690 -0.83 -15.53 10.32
C ASP A 690 0.12 -14.49 9.74
N THR A 691 0.22 -14.44 8.42
CA THR A 691 1.02 -13.43 7.75
C THR A 691 0.41 -12.05 8.00
N GLY A 692 1.25 -11.01 7.96
CA GLY A 692 0.77 -9.67 8.26
C GLY A 692 -0.40 -9.25 7.41
N TRP A 693 -0.32 -9.50 6.10
CA TRP A 693 -1.45 -9.20 5.23
C TRP A 693 -2.55 -10.25 5.31
N SER A 694 -2.24 -11.45 5.82
CA SER A 694 -3.23 -12.51 5.90
C SER A 694 -4.22 -12.24 7.02
N ILE A 695 -3.72 -11.88 8.20
CA ILE A 695 -4.60 -11.59 9.33
C ILE A 695 -5.45 -10.36 9.02
N ASN A 696 -4.83 -9.32 8.47
CA ASN A 696 -5.54 -8.08 8.20
C ASN A 696 -6.62 -8.28 7.13
N TRP A 697 -6.38 -9.19 6.18
CA TRP A 697 -7.42 -9.47 5.19
C TRP A 697 -8.56 -10.27 5.81
N LYS A 698 -8.24 -11.21 6.69
CA LYS A 698 -9.28 -12.00 7.36
C LYS A 698 -10.20 -11.14 8.20
N ILE A 699 -9.77 -9.91 8.53
CA ILE A 699 -10.66 -8.97 9.22
C ILE A 699 -11.81 -8.56 8.31
N GLY A 700 -11.48 -8.21 7.06
CA GLY A 700 -12.52 -7.82 6.11
C GLY A 700 -13.32 -9.00 5.60
N TRP A 701 -12.68 -10.16 5.45
CA TRP A 701 -13.39 -11.35 5.03
C TRP A 701 -14.49 -11.72 6.02
N TRP A 702 -14.15 -11.75 7.30
CA TRP A 702 -15.15 -12.10 8.31
C TRP A 702 -16.20 -11.00 8.47
N ALA A 703 -15.82 -9.74 8.22
CA ALA A 703 -16.80 -8.66 8.28
C ALA A 703 -17.84 -8.79 7.18
N ARG A 704 -17.43 -9.31 6.02
CA ARG A 704 -18.38 -9.53 4.93
C ARG A 704 -19.21 -10.79 5.16
N LEU A 705 -18.69 -11.75 5.89
CA LEU A 705 -19.47 -12.92 6.29
C LEU A 705 -20.33 -12.68 7.52
N HIS A 706 -20.36 -11.44 8.01
CA HIS A 706 -21.25 -11.03 9.09
C HIS A 706 -20.98 -11.82 10.37
N ASP A 707 -19.72 -12.15 10.61
CA ASP A 707 -19.29 -12.85 11.82
C ASP A 707 -18.43 -11.88 12.63
N ALA A 708 -18.97 -11.44 13.76
CA ALA A 708 -18.26 -10.47 14.59
C ALA A 708 -17.38 -11.11 15.65
N GLU A 709 -17.58 -12.39 15.95
CA GLU A 709 -16.72 -13.06 16.90
C GLU A 709 -15.47 -13.66 16.26
N GLN A 710 -15.51 -13.93 14.95
CA GLN A 710 -14.30 -14.32 14.26
C GLN A 710 -13.38 -13.13 14.02
N ALA A 711 -13.97 -11.95 13.76
CA ALA A 711 -13.18 -10.74 13.69
C ALA A 711 -12.62 -10.37 15.06
N GLN A 712 -13.29 -10.81 16.13
CA GLN A 712 -12.75 -10.64 17.47
C GLN A 712 -11.41 -11.36 17.62
N ASN A 713 -11.33 -12.59 17.10
CA ASN A 713 -10.09 -13.37 17.22
C ASN A 713 -9.00 -12.82 16.31
N MET A 714 -9.37 -12.23 15.17
CA MET A 714 -8.37 -11.71 14.25
C MET A 714 -7.63 -10.52 14.84
N LEU A 715 -8.31 -9.69 15.64
CA LEU A 715 -7.64 -8.56 16.25
C LEU A 715 -6.66 -8.99 17.33
N ARG A 716 -6.91 -10.16 17.96
CA ARG A 716 -5.92 -10.69 18.89
C ARG A 716 -4.68 -11.19 18.13
N LYS A 717 -4.89 -11.81 16.98
CA LYS A 717 -3.76 -12.33 16.21
C LYS A 717 -2.92 -11.19 15.63
N ILE A 718 -3.58 -10.12 15.16
CA ILE A 718 -2.83 -9.04 14.53
C ILE A 718 -2.03 -8.25 15.56
N PHE A 719 -2.50 -8.19 16.81
CA PHE A 719 -1.86 -7.40 17.84
C PHE A 719 -0.84 -8.19 18.65
N ARG A 720 -0.29 -9.26 18.09
CA ARG A 720 0.82 -9.95 18.73
C ARG A 720 2.07 -9.08 18.64
N PHE A 721 2.66 -8.79 19.79
CA PHE A 721 3.87 -7.96 19.80
C PHE A 721 5.00 -8.67 19.09
N ALA A 722 5.53 -8.05 18.04
CA ALA A 722 6.63 -8.63 17.28
C ALA A 722 7.93 -8.04 17.76
N PRO A 723 8.77 -8.78 18.48
CA PRO A 723 10.07 -8.25 18.89
C PRO A 723 10.90 -7.90 17.66
N SER A 724 11.50 -6.71 17.69
CA SER A 724 12.31 -6.25 16.56
C SER A 724 13.52 -7.18 16.39
N GLY A 725 14.08 -7.15 15.18
CA GLY A 725 15.07 -8.11 14.77
C GLY A 725 14.50 -9.37 14.15
N ASN A 726 13.20 -9.60 14.31
CA ASN A 726 12.48 -10.68 13.63
C ASN A 726 12.23 -10.24 12.20
N THR A 727 13.21 -10.52 11.33
CA THR A 727 13.19 -10.07 9.95
C THR A 727 13.25 -11.26 8.99
N LEU A 728 12.46 -12.30 9.27
CA LEU A 728 12.45 -13.51 8.48
C LEU A 728 11.14 -14.25 8.75
N SER A 729 10.67 -15.00 7.74
CA SER A 729 9.35 -15.62 7.80
C SER A 729 9.21 -16.56 9.00
N SER A 730 10.25 -17.35 9.27
CA SER A 730 10.22 -18.24 10.43
C SER A 730 9.98 -17.46 11.72
N GLN A 731 10.67 -16.33 11.88
CA GLN A 731 10.44 -15.46 13.03
C GLN A 731 9.04 -14.84 12.94
N LYS A 732 8.14 -15.30 13.80
CA LYS A 732 6.74 -14.89 13.74
C LYS A 732 6.49 -13.62 14.53
N GLY A 733 5.66 -12.74 13.98
CA GLY A 733 5.19 -11.57 14.69
C GLY A 733 4.07 -10.91 13.93
N GLY A 734 3.32 -10.07 14.65
CA GLY A 734 2.21 -9.37 14.01
C GLY A 734 2.32 -7.86 13.93
N ARG A 735 2.96 -7.24 14.92
CA ARG A 735 3.07 -5.78 14.96
C ARG A 735 4.35 -5.40 15.68
N TYR A 736 5.23 -4.68 14.98
CA TYR A 736 6.45 -4.18 15.59
C TYR A 736 6.11 -3.12 16.65
N ALA A 737 7.16 -2.70 17.37
CA ALA A 737 6.98 -1.72 18.44
C ALA A 737 6.38 -0.41 17.93
N ASN A 738 6.70 -0.02 16.70
CA ASN A 738 6.24 1.23 16.13
C ASN A 738 4.91 1.10 15.38
N LEU A 739 4.11 0.08 15.73
CA LEU A 739 2.78 -0.18 15.18
C LEU A 739 2.81 -0.60 13.72
N LEU A 740 3.98 -0.71 13.12
CA LEU A 740 4.06 -1.14 11.73
C LEU A 740 3.73 -2.63 11.64
N ASN A 741 3.14 -3.03 10.51
CA ASN A 741 2.89 -4.44 10.28
C ASN A 741 4.23 -5.18 10.26
N ALA A 742 4.20 -6.44 10.65
CA ALA A 742 5.45 -7.15 10.87
C ALA A 742 5.68 -8.26 9.85
N GLY A 743 4.77 -9.23 9.74
CA GLY A 743 5.01 -10.32 8.83
C GLY A 743 6.37 -10.88 9.14
N PRO A 744 7.12 -11.33 8.14
CA PRO A 744 8.59 -11.38 8.32
C PRO A 744 9.26 -10.00 8.31
N PRO A 745 9.14 -9.18 7.19
CA PRO A 745 9.61 -7.79 7.24
C PRO A 745 8.53 -6.74 7.43
N PHE A 746 8.89 -5.50 7.75
CA PHE A 746 7.96 -4.40 7.56
C PHE A 746 7.26 -4.52 6.21
N GLN A 747 5.92 -4.46 6.24
CA GLN A 747 5.12 -4.52 5.04
C GLN A 747 3.95 -3.55 5.21
N ILE A 748 3.95 -2.47 4.44
CA ILE A 748 2.91 -1.45 4.60
C ILE A 748 1.53 -2.00 4.22
N ASP A 749 1.46 -3.14 3.52
CA ASP A 749 0.19 -3.66 3.08
C ASP A 749 -0.72 -3.98 4.26
N GLY A 750 -0.16 -4.57 5.31
CA GLY A 750 -0.97 -4.86 6.49
C GLY A 750 -1.40 -3.63 7.25
N VAL A 751 -0.59 -2.56 7.18
CA VAL A 751 -0.95 -1.33 7.87
C VAL A 751 -2.14 -0.67 7.19
N LEU A 752 -2.19 -0.72 5.85
CA LEU A 752 -3.22 -0.03 5.10
C LEU A 752 -4.46 -0.89 4.89
N GLY A 753 -4.31 -2.22 4.91
CA GLY A 753 -5.47 -3.08 4.84
C GLY A 753 -6.20 -3.26 6.15
N PHE A 754 -5.52 -2.98 7.27
CA PHE A 754 -6.17 -3.03 8.57
C PHE A 754 -7.30 -2.02 8.65
N THR A 755 -7.06 -0.81 8.14
CA THR A 755 -8.14 0.18 8.05
C THR A 755 -9.27 -0.33 7.18
N ALA A 756 -8.95 -1.02 6.08
CA ALA A 756 -9.97 -1.50 5.17
C ALA A 756 -10.85 -2.56 5.81
N GLY A 757 -10.26 -3.43 6.63
CA GLY A 757 -11.05 -4.47 7.26
C GLY A 757 -11.86 -3.99 8.45
N VAL A 758 -11.36 -2.96 9.15
CA VAL A 758 -12.09 -2.43 10.30
C VAL A 758 -13.31 -1.64 9.85
N VAL A 759 -13.18 -0.90 8.74
CA VAL A 759 -14.30 -0.09 8.27
C VAL A 759 -15.47 -0.96 7.85
N GLU A 760 -15.19 -2.17 7.35
CA GLU A 760 -16.25 -3.07 6.94
C GLU A 760 -16.96 -3.73 8.10
N LEU A 761 -16.43 -3.62 9.32
CA LEU A 761 -17.13 -4.07 10.50
C LEU A 761 -18.29 -3.15 10.87
N LEU A 762 -18.23 -1.89 10.44
CA LEU A 762 -19.19 -0.88 10.84
C LEU A 762 -20.04 -0.33 9.71
N LEU A 763 -19.60 -0.49 8.46
CA LEU A 763 -20.33 0.07 7.32
C LEU A 763 -20.01 -0.75 6.08
N GLN A 764 -21.06 -1.18 5.37
CA GLN A 764 -20.92 -1.89 4.11
C GLN A 764 -21.90 -1.31 3.11
N SER A 765 -21.46 -1.18 1.85
CA SER A 765 -22.34 -0.67 0.81
C SER A 765 -22.22 -1.44 -0.50
N HIS A 766 -21.75 -2.69 -0.47
CA HIS A 766 -21.53 -3.44 -1.70
C HIS A 766 -22.78 -4.19 -2.18
N ASP A 767 -23.75 -4.43 -1.30
CA ASP A 767 -24.87 -5.30 -1.63
C ASP A 767 -26.15 -4.52 -1.90
N GLY A 768 -26.04 -3.26 -2.31
CA GLY A 768 -27.19 -2.46 -2.67
C GLY A 768 -27.85 -1.71 -1.53
N PHE A 769 -27.26 -1.75 -0.33
CA PHE A 769 -27.83 -1.04 0.82
C PHE A 769 -26.69 -0.67 1.76
N ILE A 770 -26.84 0.48 2.41
CA ILE A 770 -25.84 0.98 3.35
C ILE A 770 -26.06 0.23 4.67
N HIS A 771 -25.29 -0.84 4.87
CA HIS A 771 -25.42 -1.70 6.03
C HIS A 771 -24.75 -1.05 7.23
N LEU A 772 -25.54 -0.65 8.22
CA LEU A 772 -25.04 0.00 9.42
C LEU A 772 -24.64 -1.05 10.45
N LEU A 773 -23.34 -1.11 10.76
CA LEU A 773 -22.83 -1.96 11.84
C LEU A 773 -23.20 -3.43 11.65
N PRO A 774 -22.68 -4.10 10.61
CA PRO A 774 -23.05 -5.50 10.40
C PRO A 774 -22.23 -6.49 11.20
N ALA A 775 -21.03 -6.10 11.64
CA ALA A 775 -20.16 -7.02 12.36
C ALA A 775 -19.52 -6.35 13.56
N LEU A 776 -20.30 -5.59 14.32
CA LEU A 776 -19.75 -4.87 15.47
C LEU A 776 -19.25 -5.85 16.53
N PRO A 777 -17.96 -5.80 16.88
CA PRO A 777 -17.42 -6.76 17.85
C PRO A 777 -18.11 -6.66 19.21
N LYS A 778 -17.95 -7.73 19.99
CA LYS A 778 -18.59 -7.79 21.30
C LYS A 778 -18.01 -6.76 22.25
N ASN A 779 -16.71 -6.52 22.17
CA ASN A 779 -16.01 -5.68 23.15
C ASN A 779 -16.05 -4.19 22.80
N TRP A 780 -16.84 -3.80 21.79
CA TRP A 780 -17.06 -2.40 21.46
C TRP A 780 -18.53 -2.09 21.67
N PRO A 781 -18.95 -1.89 22.93
CA PRO A 781 -20.36 -1.56 23.18
C PRO A 781 -20.69 -0.12 22.81
N ASP A 782 -19.72 0.78 22.98
CA ASP A 782 -19.88 2.18 22.68
C ASP A 782 -18.91 2.58 21.59
N GLY A 783 -19.21 3.70 20.94
CA GLY A 783 -18.32 4.22 19.91
C GLY A 783 -18.98 5.20 18.97
N ARG A 784 -18.22 6.18 18.50
CA ARG A 784 -18.67 7.15 17.52
C ARG A 784 -17.63 7.27 16.42
N VAL A 785 -18.02 6.98 15.19
CA VAL A 785 -17.17 7.16 14.02
C VAL A 785 -17.88 8.08 13.04
N THR A 786 -17.12 9.00 12.44
CA THR A 786 -17.69 9.97 11.51
C THR A 786 -16.79 10.11 10.29
N GLY A 787 -17.41 10.48 9.18
CA GLY A 787 -16.68 10.79 7.96
C GLY A 787 -16.49 9.65 7.00
N LEU A 788 -17.11 8.50 7.23
CA LEU A 788 -16.96 7.36 6.35
C LEU A 788 -17.67 7.60 5.02
N LYS A 789 -17.30 6.80 4.02
CA LYS A 789 -17.82 6.95 2.67
C LYS A 789 -18.32 5.61 2.16
N ALA A 790 -19.48 5.63 1.50
CA ALA A 790 -20.11 4.44 0.95
C ALA A 790 -20.32 4.64 -0.55
N ARG A 791 -20.72 3.55 -1.21
CA ARG A 791 -20.94 3.62 -2.66
C ARG A 791 -22.01 4.66 -2.97
N GLY A 792 -21.65 5.63 -3.81
CA GLY A 792 -22.55 6.71 -4.17
C GLY A 792 -22.14 8.06 -3.65
N GLY A 793 -21.05 8.15 -2.90
CA GLY A 793 -20.59 9.40 -2.33
C GLY A 793 -21.20 9.77 -1.01
N PHE A 794 -21.98 8.88 -0.40
CA PHE A 794 -22.63 9.19 0.87
C PHE A 794 -21.60 9.25 1.99
N ILE A 795 -21.69 10.28 2.82
CA ILE A 795 -20.88 10.38 4.03
C ILE A 795 -21.72 9.89 5.20
N VAL A 796 -21.19 8.90 5.93
CA VAL A 796 -21.92 8.23 6.99
C VAL A 796 -21.26 8.51 8.33
N ASP A 797 -22.07 8.84 9.33
CA ASP A 797 -21.63 9.00 10.70
C ASP A 797 -22.44 8.06 11.58
N ILE A 798 -21.77 7.31 12.45
CA ILE A 798 -22.42 6.28 13.26
C ILE A 798 -21.98 6.44 14.71
N GLU A 799 -22.96 6.48 15.62
CA GLU A 799 -22.70 6.45 17.06
C GLU A 799 -23.54 5.36 17.69
N TRP A 800 -22.87 4.40 18.32
CA TRP A 800 -23.53 3.30 19.01
C TRP A 800 -23.14 3.32 20.49
N LYS A 801 -24.04 2.82 21.32
CA LYS A 801 -23.82 2.79 22.76
C LYS A 801 -24.43 1.52 23.33
N ASP A 802 -23.63 0.77 24.09
CA ASP A 802 -24.04 -0.50 24.69
C ASP A 802 -24.50 -1.50 23.63
N GLY A 803 -23.69 -1.63 22.57
CA GLY A 803 -23.92 -2.60 21.53
C GLY A 803 -25.15 -2.37 20.68
N LYS A 804 -25.74 -1.18 20.74
CA LYS A 804 -26.94 -0.84 19.98
C LYS A 804 -26.75 0.50 19.31
N LEU A 805 -27.13 0.57 18.03
CA LEU A 805 -26.99 1.81 17.27
C LEU A 805 -27.84 2.91 17.88
N LEU A 806 -27.20 4.02 18.23
CA LEU A 806 -27.90 5.14 18.85
C LEU A 806 -28.39 6.15 17.80
N GLU A 807 -27.53 6.53 16.86
CA GLU A 807 -27.93 7.48 15.82
C GLU A 807 -26.96 7.38 14.66
N ALA A 808 -27.48 7.60 13.45
CA ALA A 808 -26.68 7.56 12.24
C ALA A 808 -27.12 8.67 11.29
N VAL A 809 -26.16 9.28 10.59
CA VAL A 809 -26.40 10.38 9.67
C VAL A 809 -25.88 9.99 8.30
N ILE A 810 -26.70 10.19 7.27
CA ILE A 810 -26.35 9.86 5.89
C ILE A 810 -26.32 11.17 5.11
N HIS A 811 -25.12 11.72 4.91
CA HIS A 811 -24.96 12.92 4.13
C HIS A 811 -25.20 12.63 2.66
N PRO A 812 -25.61 13.64 1.88
CA PRO A 812 -25.79 13.44 0.43
C PRO A 812 -24.47 13.13 -0.25
N GLY A 813 -24.57 12.47 -1.40
CA GLY A 813 -23.41 12.14 -2.20
C GLY A 813 -23.54 12.59 -3.64
N HIS A 814 -23.34 11.67 -4.58
CA HIS A 814 -23.56 11.94 -5.99
C HIS A 814 -24.63 11.05 -6.61
N GLU A 815 -25.28 10.19 -5.83
CA GLU A 815 -26.36 9.34 -6.30
C GLU A 815 -27.61 9.65 -5.48
N LYS A 816 -28.78 9.66 -6.14
CA LYS A 816 -29.97 10.24 -5.54
C LYS A 816 -30.60 9.31 -4.50
N GLU A 817 -31.00 8.11 -4.93
CA GLU A 817 -31.69 7.21 -4.02
C GLU A 817 -30.70 6.52 -3.08
N VAL A 818 -31.11 6.33 -1.83
CA VAL A 818 -30.31 5.65 -0.83
C VAL A 818 -31.20 4.70 -0.05
N ARG A 819 -30.64 3.56 0.35
CA ARG A 819 -31.35 2.58 1.15
C ARG A 819 -30.44 2.11 2.27
N VAL A 820 -30.97 2.11 3.50
CA VAL A 820 -30.20 1.80 4.68
C VAL A 820 -30.73 0.51 5.30
N HIS A 821 -29.88 -0.15 6.08
CA HIS A 821 -30.21 -1.46 6.62
C HIS A 821 -29.39 -1.69 7.88
N TYR A 822 -30.08 -1.84 9.02
CA TYR A 822 -29.43 -2.17 10.29
C TYR A 822 -30.25 -3.26 10.97
N GLN A 823 -29.62 -4.40 11.22
CA GLN A 823 -30.27 -5.58 11.79
C GLN A 823 -31.43 -5.97 10.88
N ASP A 824 -32.66 -6.07 11.37
CA ASP A 824 -33.80 -6.50 10.56
C ASP A 824 -34.72 -5.33 10.20
N ASP A 825 -34.15 -4.15 9.96
CA ASP A 825 -34.91 -2.96 9.61
C ASP A 825 -34.29 -2.31 8.38
N VAL A 826 -35.16 -1.85 7.46
CA VAL A 826 -34.73 -1.26 6.20
C VAL A 826 -35.42 0.09 6.04
N HIS A 827 -34.63 1.14 5.83
CA HIS A 827 -35.14 2.46 5.51
C HIS A 827 -34.87 2.78 4.05
N VAL A 828 -35.74 3.60 3.46
CA VAL A 828 -35.62 3.99 2.06
C VAL A 828 -35.81 5.50 1.97
N PHE A 829 -34.91 6.17 1.24
CA PHE A 829 -35.03 7.60 0.95
C PHE A 829 -35.01 7.79 -0.55
N ALA A 830 -36.13 8.27 -1.11
CA ALA A 830 -36.22 8.45 -2.56
C ALA A 830 -35.28 9.54 -3.05
N LYS A 831 -34.84 10.44 -2.18
CA LYS A 831 -34.00 11.57 -2.55
C LYS A 831 -33.47 12.22 -1.29
N ILE A 832 -32.22 12.66 -1.33
CA ILE A 832 -31.58 13.36 -0.22
C ILE A 832 -30.97 14.66 -0.73
N GLU A 833 -31.47 15.79 -0.23
CA GLU A 833 -30.84 17.08 -0.45
C GLU A 833 -30.25 17.65 0.84
N LYS A 834 -30.28 16.89 1.94
CA LYS A 834 -29.86 17.36 3.24
C LYS A 834 -29.55 16.14 4.09
N PRO A 835 -28.50 16.15 4.91
CA PRO A 835 -28.17 14.98 5.73
C PRO A 835 -29.34 14.47 6.56
N VAL A 836 -29.77 13.25 6.29
CA VAL A 836 -30.87 12.64 7.02
C VAL A 836 -30.33 11.90 8.24
N ARG A 837 -31.21 11.67 9.22
CA ARG A 837 -30.85 11.01 10.46
C ARG A 837 -31.58 9.67 10.57
N ILE A 838 -30.95 8.73 11.28
CA ILE A 838 -31.47 7.38 11.45
C ILE A 838 -31.24 6.97 12.90
N THR A 839 -32.33 6.77 13.64
CA THR A 839 -32.26 6.49 15.06
C THR A 839 -32.76 5.09 15.37
N ARG A 840 -32.52 4.66 16.61
CA ARG A 840 -32.95 3.35 17.08
C ARG A 840 -34.47 3.31 17.23
#